data_7LZW
#
_entry.id   7LZW
#
_cell.length_a   55.000
_cell.length_b   98.274
_cell.length_c   58.173
_cell.angle_alpha   90.000
_cell.angle_beta   107.500
_cell.angle_gamma   90.000
#
_symmetry.space_group_name_H-M   'P 1 21 1'
#
loop_
_entity.id
_entity.type
_entity.pdbx_description
1 polymer '3C-like proteinase'
2 non-polymer '(1R,2S)-2-((S)-2-((((4-fluorobenzyl)oxy)carbonyl)amino)-4-methylpentanamido)-1-hydroxy-3-((S)-2-oxopyrrolidin-3-yl)propane-1-sulfonic acid'
3 non-polymer '(1S,2S)-2-((S)-2-((((4-fluorobenzyl)oxy)carbonyl)amino)-4-methylpentanamido)-1-hydroxy-3-((S)-2-oxopyrrolidin-3-yl)propane-1-sulfonic acid'
4 water water
#
_entity_poly.entity_id   1
_entity_poly.type   'polypeptide(L)'
_entity_poly.pdbx_seq_one_letter_code
;SNIGSGFRKMAFPSGKVEGCMVQVTCGTTTLNGLWLDDVVYCPRHVICTSEDMLNPNYEDLLIRKSNHNFLVQAGNVQLR
VIGHSMQNCVLKLKVDTANPKTPKYKFVRIQPGQTFSVLACYNGSPSGVYQCAMRPNFTIKGSFLNGSCGSVGFNIDYDC
VSFCYMHHMELPTGVHAGTDLEGNFYGPFVDRQTAQAAGTDTTITVNVLAWLYAAVINGDRWFLNRFTTTLNDFNLVAMK
YNYEPLTQDHVDILGPLSAQTGIAVLDMCASLKELLQNGMNGRTILGSALLEDEFTPFDVVRQCSGVTF
;
_entity_poly.pdbx_strand_id   A,B
#
loop_
_chem_comp.id
_chem_comp.type
_chem_comp.name
_chem_comp.formula
YLM non-polymer '(1R,2S)-2-((S)-2-((((4-fluorobenzyl)oxy)carbonyl)amino)-4-methylpentanamido)-1-hydroxy-3-((S)-2-oxopyrrolidin-3-yl)propane-1-sulfonic acid' 'C21 H30 F N3 O8 S'
YLS non-polymer '(1S,2S)-2-((S)-2-((((4-fluorobenzyl)oxy)carbonyl)amino)-4-methylpentanamido)-1-hydroxy-3-((S)-2-oxopyrrolidin-3-yl)propane-1-sulfonic acid' 'C21 H30 F N3 O8 S'
#
# COMPACT_ATOMS: atom_id res chain seq x y z
N ARG A 8 -6.67 -6.75 -2.69
CA ARG A 8 -5.60 -5.76 -2.65
C ARG A 8 -5.35 -5.30 -1.21
N LYS A 9 -4.13 -5.49 -0.71
CA LYS A 9 -3.83 -5.17 0.69
C LYS A 9 -3.73 -3.66 0.88
N MET A 10 -4.51 -3.13 1.81
CA MET A 10 -4.87 -1.72 1.83
C MET A 10 -4.46 -1.07 3.14
N ALA A 11 -3.82 0.08 3.05
CA ALA A 11 -3.37 0.85 4.21
C ALA A 11 -4.24 2.08 4.42
N PHE A 12 -4.22 2.60 5.64
CA PHE A 12 -4.99 3.80 5.94
C PHE A 12 -4.37 5.01 5.22
N PRO A 13 -5.21 5.97 4.84
CA PRO A 13 -4.65 7.22 4.30
C PRO A 13 -3.74 7.83 5.34
N SER A 14 -2.54 8.19 4.90
CA SER A 14 -1.46 8.49 5.84
C SER A 14 -1.35 9.98 6.16
N GLY A 15 -2.22 10.82 5.61
CA GLY A 15 -2.02 12.26 5.71
C GLY A 15 -1.99 12.78 7.14
N LYS A 16 -2.83 12.21 8.01
CA LYS A 16 -2.86 12.68 9.40
C LYS A 16 -1.57 12.38 10.14
N VAL A 17 -0.84 11.34 9.72
CA VAL A 17 0.45 11.03 10.33
C VAL A 17 1.58 11.82 9.69
N GLU A 18 1.49 12.08 8.38
CA GLU A 18 2.55 12.81 7.69
C GLU A 18 2.85 14.14 8.36
N GLY A 19 1.82 14.82 8.86
CA GLY A 19 1.95 16.12 9.46
C GLY A 19 2.51 16.11 10.86
N CYS A 20 2.87 14.93 11.37
CA CYS A 20 3.51 14.81 12.67
C CYS A 20 4.97 14.42 12.60
N MET A 21 5.48 14.14 11.41
CA MET A 21 6.82 13.55 11.30
C MET A 21 7.87 14.64 11.26
N VAL A 22 8.87 14.52 12.13
CA VAL A 22 9.97 15.46 12.15
C VAL A 22 11.27 14.67 12.19
N GLN A 23 12.35 15.38 11.91
CA GLN A 23 13.69 14.83 11.91
C GLN A 23 14.34 15.17 13.24
N VAL A 24 14.98 14.17 13.86
CA VAL A 24 15.65 14.33 15.14
C VAL A 24 17.09 13.88 14.98
N THR A 25 18.03 14.71 15.39
CA THR A 25 19.45 14.41 15.27
C THR A 25 20.12 14.59 16.62
N CYS A 26 21.01 13.65 16.94
CA CYS A 26 21.89 13.75 18.10
C CYS A 26 23.26 13.22 17.70
N GLY A 27 24.28 14.07 17.78
CA GLY A 27 25.58 13.67 17.27
C GLY A 27 25.49 13.41 15.78
N THR A 28 25.91 12.22 15.36
CA THR A 28 25.84 11.81 13.96
C THR A 28 24.67 10.89 13.65
N THR A 29 23.81 10.62 14.63
CA THR A 29 22.64 9.78 14.41
C THR A 29 21.44 10.64 14.03
N THR A 30 20.77 10.27 12.94
CA THR A 30 19.56 10.96 12.51
C THR A 30 18.47 9.92 12.27
N LEU A 31 17.30 10.17 12.84
CA LEU A 31 16.15 9.31 12.65
C LEU A 31 14.90 10.19 12.77
N ASN A 32 13.72 9.57 12.77
CA ASN A 32 12.46 10.29 12.74
C ASN A 32 11.82 10.38 14.12
N GLY A 33 11.14 11.50 14.37
CA GLY A 33 10.32 11.66 15.55
C GLY A 33 8.87 11.93 15.23
N LEU A 34 7.99 11.60 16.17
CA LEU A 34 6.56 11.89 16.08
C LEU A 34 6.23 13.11 16.94
N TRP A 35 5.81 14.19 16.29
CA TRP A 35 5.49 15.47 16.94
C TRP A 35 3.99 15.59 17.18
N LEU A 36 3.56 15.25 18.38
CA LEU A 36 2.19 15.46 18.84
C LEU A 36 2.17 16.56 19.89
N ASP A 37 1.34 17.58 19.69
CA ASP A 37 1.23 18.72 20.61
C ASP A 37 2.61 19.32 20.77
N ASP A 38 3.19 19.41 21.98
CA ASP A 38 4.50 20.00 22.18
C ASP A 38 5.53 18.95 22.61
N VAL A 39 5.31 17.69 22.25
CA VAL A 39 6.23 16.60 22.55
C VAL A 39 6.65 15.95 21.24
N VAL A 40 7.93 15.63 21.13
CA VAL A 40 8.45 14.81 20.05
C VAL A 40 8.85 13.45 20.63
N TYR A 41 8.26 12.39 20.09
CA TYR A 41 8.62 11.02 20.45
C TYR A 41 9.59 10.46 19.42
N CYS A 42 10.59 9.74 19.87
CA CYS A 42 11.53 9.11 18.95
C CYS A 42 12.24 7.98 19.67
N PRO A 43 12.96 7.12 18.93
CA PRO A 43 13.70 6.05 19.59
C PRO A 43 14.88 6.61 20.37
N ARG A 44 15.06 6.07 21.58
CA ARG A 44 16.09 6.61 22.46
C ARG A 44 17.49 6.32 21.96
N HIS A 45 17.69 5.27 21.14
CA HIS A 45 19.04 4.97 20.70
C HIS A 45 19.60 6.03 19.78
N VAL A 46 18.84 7.10 19.53
CA VAL A 46 19.39 8.24 18.80
C VAL A 46 20.57 8.83 19.55
N ILE A 47 20.58 8.76 20.88
CA ILE A 47 21.66 9.37 21.65
C ILE A 47 22.92 8.53 21.65
N CYS A 48 22.87 7.32 21.11
CA CYS A 48 24.02 6.42 21.12
C CYS A 48 25.06 6.83 20.08
N THR A 49 26.28 6.33 20.29
CA THR A 49 27.35 6.32 19.32
C THR A 49 27.75 4.87 19.07
N SER A 50 28.87 4.68 18.39
CA SER A 50 29.36 3.32 18.15
C SER A 50 29.74 2.66 19.47
N GLU A 51 30.62 3.31 20.23
CA GLU A 51 31.14 2.75 21.48
C GLU A 51 30.04 2.56 22.52
N ASP A 52 28.81 2.95 22.19
CA ASP A 52 27.65 2.77 23.07
C ASP A 52 26.69 1.68 22.59
N MET A 53 26.62 1.44 21.28
CA MET A 53 25.54 0.63 20.72
C MET A 53 25.46 -0.76 21.35
N LEU A 54 26.59 -1.32 21.80
CA LEU A 54 26.60 -2.73 22.19
C LEU A 54 25.98 -2.97 23.55
N ASN A 55 26.22 -2.07 24.51
CA ASN A 55 25.67 -2.20 25.86
C ASN A 55 25.41 -0.80 26.41
N PRO A 56 24.38 -0.13 25.90
CA PRO A 56 24.12 1.26 26.30
C PRO A 56 23.39 1.32 27.64
N ASN A 57 23.98 2.01 28.60
CA ASN A 57 23.32 2.29 29.88
C ASN A 57 22.54 3.58 29.69
N TYR A 58 21.33 3.43 29.13
CA TYR A 58 20.62 4.57 28.56
C TYR A 58 20.36 5.66 29.61
N GLU A 59 19.96 5.28 30.82
CA GLU A 59 19.79 6.27 31.88
C GLU A 59 21.07 7.08 32.08
N ASP A 60 22.22 6.40 32.02
CA ASP A 60 23.49 7.05 32.20
C ASP A 60 23.88 7.92 31.00
N LEU A 61 23.46 7.53 29.81
CA LEU A 61 23.80 8.33 28.63
C LEU A 61 22.89 9.54 28.51
N LEU A 62 21.65 9.42 29.00
CA LEU A 62 20.69 10.50 28.83
C LEU A 62 20.97 11.65 29.78
N ILE A 63 21.28 11.34 31.05
CA ILE A 63 21.52 12.40 32.02
C ILE A 63 22.66 13.29 31.57
N ARG A 64 23.60 12.74 30.78
CA ARG A 64 24.75 13.49 30.29
C ARG A 64 24.42 14.37 29.09
N LYS A 65 23.17 14.35 28.62
CA LYS A 65 22.73 15.09 27.45
C LYS A 65 22.01 16.36 27.85
N SER A 66 22.19 17.40 27.04
CA SER A 66 21.54 18.68 27.25
C SER A 66 20.44 18.91 26.21
N ASN A 67 19.46 19.72 26.59
CA ASN A 67 18.39 20.09 25.67
C ASN A 67 18.90 20.48 24.30
N HIS A 68 20.08 21.09 24.22
CA HIS A 68 20.60 21.60 22.96
C HIS A 68 21.38 20.56 22.15
N ASN A 69 21.67 19.38 22.71
CA ASN A 69 22.27 18.34 21.89
C ASN A 69 21.26 17.71 20.93
N PHE A 70 19.98 18.07 21.05
CA PHE A 70 18.93 17.52 20.21
C PHE A 70 18.54 18.57 19.17
N LEU A 71 18.89 18.33 17.91
CA LEU A 71 18.42 19.15 16.81
C LEU A 71 17.15 18.50 16.26
N VAL A 72 16.00 19.11 16.53
CA VAL A 72 14.71 18.72 15.96
C VAL A 72 14.40 19.67 14.82
N GLN A 73 14.23 19.12 13.62
CA GLN A 73 13.92 19.91 12.43
C GLN A 73 12.58 19.44 11.86
N ALA A 74 11.62 20.35 11.80
CA ALA A 74 10.32 20.10 11.18
C ALA A 74 10.28 20.87 9.86
N GLY A 75 10.38 20.16 8.76
CA GLY A 75 10.45 20.84 7.48
C GLY A 75 11.66 21.76 7.45
N ASN A 76 11.41 23.01 7.05
CA ASN A 76 12.46 24.01 6.91
C ASN A 76 12.68 24.78 8.20
N VAL A 77 12.35 24.20 9.34
CA VAL A 77 12.32 24.90 10.62
C VAL A 77 12.88 24.00 11.70
N GLN A 78 13.68 24.58 12.59
CA GLN A 78 14.15 23.89 13.78
C GLN A 78 13.17 24.17 14.92
N LEU A 79 12.88 23.14 15.70
CA LEU A 79 12.08 23.27 16.91
C LEU A 79 13.03 23.17 18.10
N ARG A 80 12.95 24.16 19.00
CA ARG A 80 13.86 24.21 20.14
C ARG A 80 13.39 23.26 21.23
N VAL A 81 14.28 22.40 21.67
CA VAL A 81 13.98 21.47 22.77
C VAL A 81 14.16 22.20 24.09
N ILE A 82 13.13 22.14 24.94
CA ILE A 82 13.16 22.81 26.23
C ILE A 82 13.02 21.79 27.36
N GLY A 83 13.40 20.55 27.08
CA GLY A 83 13.28 19.49 28.05
C GLY A 83 13.26 18.13 27.39
N HIS A 84 13.74 17.12 28.11
CA HIS A 84 13.71 15.77 27.59
C HIS A 84 13.46 14.81 28.74
N SER A 85 12.80 13.70 28.40
CA SER A 85 12.56 12.64 29.35
C SER A 85 12.53 11.33 28.57
N MET A 86 12.63 10.22 29.31
CA MET A 86 12.70 8.90 28.73
C MET A 86 11.60 8.05 29.31
N GLN A 87 10.90 7.31 28.44
CA GLN A 87 9.91 6.32 28.88
C GLN A 87 10.23 5.02 28.16
N ASN A 88 10.77 4.06 28.90
CA ASN A 88 11.21 2.80 28.33
C ASN A 88 12.11 3.15 27.14
N CYS A 89 11.89 2.59 25.95
CA CYS A 89 12.84 2.78 24.86
C CYS A 89 12.52 3.99 23.99
N VAL A 90 11.55 4.82 24.36
CA VAL A 90 11.21 6.02 23.60
CA VAL A 90 11.23 6.02 23.59
C VAL A 90 11.69 7.24 24.37
N LEU A 91 12.18 8.23 23.65
CA LEU A 91 12.65 9.49 24.19
C LEU A 91 11.63 10.56 23.88
N LYS A 92 11.15 11.26 24.91
CA LYS A 92 10.16 12.34 24.76
C LYS A 92 10.88 13.68 24.90
N LEU A 93 10.96 14.43 23.81
CA LEU A 93 11.58 15.75 23.79
C LEU A 93 10.49 16.81 23.77
N LYS A 94 10.41 17.60 24.84
CA LYS A 94 9.46 18.70 24.85
C LYS A 94 10.02 19.83 24.02
N VAL A 95 9.16 20.46 23.21
CA VAL A 95 9.57 21.55 22.34
C VAL A 95 8.72 22.78 22.65
N ASP A 96 9.26 23.94 22.29
CA ASP A 96 8.63 25.22 22.56
C ASP A 96 7.50 25.55 21.60
N THR A 97 7.10 24.61 20.76
CA THR A 97 6.01 24.83 19.81
C THR A 97 5.07 23.63 19.84
N ALA A 98 3.80 23.89 19.55
CA ALA A 98 2.83 22.84 19.38
C ALA A 98 2.59 22.61 17.89
N ASN A 99 2.50 21.35 17.51
CA ASN A 99 2.15 20.98 16.13
C ASN A 99 0.70 21.34 15.88
N PRO A 100 0.39 22.37 15.09
CA PRO A 100 -1.02 22.64 14.77
C PRO A 100 -1.70 21.48 14.08
N LYS A 101 -0.93 20.69 13.35
CA LYS A 101 -1.48 19.56 12.62
C LYS A 101 -1.69 18.34 13.50
N THR A 102 -1.58 18.47 14.82
CA THR A 102 -1.83 17.33 15.69
C THR A 102 -3.22 16.80 15.45
N PRO A 103 -3.40 15.53 15.12
CA PRO A 103 -4.75 14.98 14.99
C PRO A 103 -5.23 14.44 16.33
N LYS A 104 -6.52 14.17 16.40
CA LYS A 104 -7.05 13.36 17.50
C LYS A 104 -6.33 12.00 17.47
N TYR A 105 -5.72 11.63 18.59
CA TYR A 105 -4.93 10.41 18.64
C TYR A 105 -5.07 9.71 19.99
N LYS A 106 -4.59 8.47 20.00
CA LYS A 106 -4.40 7.70 21.23
C LYS A 106 -3.21 6.77 21.01
N PHE A 107 -2.64 6.30 22.12
CA PHE A 107 -1.58 5.30 22.09
C PHE A 107 -2.17 3.95 22.49
N VAL A 108 -1.97 2.94 21.65
CA VAL A 108 -2.47 1.62 21.95
C VAL A 108 -1.38 0.57 21.72
N ARG A 109 -1.50 -0.55 22.43
CA ARG A 109 -0.65 -1.71 22.24
C ARG A 109 -1.49 -2.80 21.60
N ILE A 110 -1.11 -3.19 20.39
CA ILE A 110 -1.89 -4.18 19.66
C ILE A 110 -1.41 -5.59 20.00
N GLN A 111 -2.27 -6.56 19.71
CA GLN A 111 -2.08 -7.99 19.90
C GLN A 111 -1.50 -8.60 18.63
N PRO A 112 -0.81 -9.73 18.75
CA PRO A 112 -0.34 -10.40 17.53
C PRO A 112 -1.52 -10.87 16.70
N GLY A 113 -1.36 -10.78 15.38
CA GLY A 113 -2.44 -11.04 14.47
C GLY A 113 -3.26 -9.82 14.11
N GLN A 114 -3.09 -8.72 14.83
CA GLN A 114 -3.71 -7.46 14.45
C GLN A 114 -2.86 -6.75 13.40
N THR A 115 -3.50 -5.90 12.62
CA THR A 115 -2.86 -5.21 11.52
C THR A 115 -2.90 -3.71 11.69
N PHE A 116 -2.02 -3.05 10.96
CA PHE A 116 -1.84 -1.60 11.08
C PHE A 116 -1.05 -1.15 9.87
N SER A 117 -1.18 0.13 9.55
CA SER A 117 -0.40 0.72 8.49
C SER A 117 0.87 1.34 9.05
N VAL A 118 1.87 1.43 8.19
CA VAL A 118 3.19 1.92 8.55
C VAL A 118 3.50 3.05 7.61
N LEU A 119 3.91 4.20 8.16
CA LEU A 119 4.40 5.30 7.34
C LEU A 119 5.92 5.26 7.49
N ALA A 120 6.57 4.64 6.51
CA ALA A 120 8.02 4.60 6.51
C ALA A 120 8.53 6.00 6.18
N CYS A 121 9.48 6.47 6.99
CA CYS A 121 10.02 7.81 6.91
C CYS A 121 11.54 7.79 6.96
N TYR A 122 12.14 8.75 6.28
CA TYR A 122 13.60 8.92 6.27
C TYR A 122 13.86 10.41 6.44
N ASN A 123 14.77 10.75 7.35
CA ASN A 123 15.11 12.16 7.65
C ASN A 123 13.86 13.00 7.86
N GLY A 124 12.85 12.43 8.49
CA GLY A 124 11.62 13.14 8.79
C GLY A 124 10.68 13.33 7.62
N SER A 125 10.96 12.75 6.46
CA SER A 125 10.13 12.92 5.27
C SER A 125 9.43 11.62 4.93
N PRO A 126 8.11 11.57 4.87
CA PRO A 126 7.43 10.35 4.44
C PRO A 126 7.90 9.87 3.08
N SER A 127 8.06 8.57 2.97
CA SER A 127 8.48 7.94 1.73
C SER A 127 7.45 6.94 1.20
N GLY A 128 6.77 6.21 2.07
CA GLY A 128 5.75 5.29 1.61
C GLY A 128 4.92 4.80 2.78
N VAL A 129 3.84 4.12 2.45
CA VAL A 129 2.94 3.55 3.45
C VAL A 129 2.55 2.17 2.96
N TYR A 130 2.39 1.25 3.91
CA TYR A 130 1.99 -0.11 3.59
C TYR A 130 1.34 -0.69 4.83
N GLN A 131 0.82 -1.90 4.69
CA GLN A 131 0.05 -2.58 5.71
C GLN A 131 0.87 -3.74 6.27
N CYS A 132 0.77 -3.94 7.58
CA CYS A 132 1.56 -4.94 8.30
C CYS A 132 0.68 -5.59 9.34
N ALA A 133 1.16 -6.71 9.86
CA ALA A 133 0.55 -7.35 11.00
C ALA A 133 1.60 -7.62 12.05
N MET A 134 1.17 -7.54 13.30
CA MET A 134 1.98 -7.98 14.42
C MET A 134 2.04 -9.50 14.37
N ARG A 135 3.18 -10.05 13.92
CA ARG A 135 3.32 -11.51 13.84
C ARG A 135 3.09 -12.14 15.21
N PRO A 136 2.78 -13.43 15.24
CA PRO A 136 2.65 -14.10 16.55
C PRO A 136 3.93 -14.08 17.37
N ASN A 137 5.10 -14.01 16.73
CA ASN A 137 6.37 -13.91 17.43
C ASN A 137 6.81 -12.48 17.64
N PHE A 138 5.89 -11.52 17.51
CA PHE A 138 6.08 -10.11 17.84
C PHE A 138 7.11 -9.42 16.96
N THR A 139 7.53 -10.03 15.87
CA THR A 139 8.18 -9.27 14.81
C THR A 139 7.11 -8.74 13.85
N ILE A 140 7.55 -7.90 12.92
CA ILE A 140 6.73 -7.50 11.79
C ILE A 140 7.64 -7.55 10.57
N LYS A 141 7.03 -7.90 9.44
CA LYS A 141 7.77 -8.01 8.18
C LYS A 141 7.53 -6.72 7.42
N GLY A 142 8.41 -5.75 7.65
CA GLY A 142 8.31 -4.45 7.02
C GLY A 142 9.35 -4.23 5.94
N SER A 143 9.26 -3.07 5.32
CA SER A 143 10.29 -2.56 4.43
C SER A 143 10.83 -1.32 5.14
N PHE A 144 11.94 -1.52 5.83
CA PHE A 144 12.59 -0.50 6.64
C PHE A 144 14.08 -0.52 6.31
N LEU A 145 14.63 0.63 5.92
CA LEU A 145 16.05 0.76 5.65
C LEU A 145 16.72 1.57 6.76
N ASN A 146 18.03 1.80 6.60
CA ASN A 146 18.73 2.73 7.50
C ASN A 146 17.97 4.05 7.55
N GLY A 147 17.87 4.62 8.76
CA GLY A 147 17.23 5.90 8.94
C GLY A 147 15.72 5.84 9.09
N SER A 148 15.11 4.67 8.93
CA SER A 148 13.67 4.55 9.09
C SER A 148 13.24 4.59 10.56
N CYS A 149 14.16 4.50 11.50
CA CYS A 149 13.78 4.45 12.90
C CYS A 149 12.95 5.67 13.26
N GLY A 150 12.00 5.48 14.17
CA GLY A 150 11.03 6.50 14.46
C GLY A 150 9.76 6.44 13.63
N SER A 151 9.81 5.80 12.45
CA SER A 151 8.58 5.58 11.70
C SER A 151 7.59 4.84 12.59
N VAL A 152 6.31 5.13 12.40
CA VAL A 152 5.26 4.65 13.29
C VAL A 152 4.25 3.85 12.50
N GLY A 153 3.60 2.91 13.18
CA GLY A 153 2.47 2.18 12.65
C GLY A 153 1.20 2.67 13.32
N PHE A 154 0.05 2.56 12.65
CA PHE A 154 -1.17 3.17 13.19
C PHE A 154 -2.40 2.59 12.52
N ASN A 155 -3.54 2.80 13.18
CA ASN A 155 -4.86 2.55 12.64
C ASN A 155 -5.70 3.79 12.84
N ILE A 156 -6.73 3.95 12.00
CA ILE A 156 -7.57 5.15 12.01
C ILE A 156 -9.02 4.73 12.12
N ASP A 157 -9.61 4.92 13.30
CA ASP A 157 -11.04 4.69 13.52
C ASP A 157 -11.72 6.04 13.62
N TYR A 158 -12.59 6.33 12.65
CA TYR A 158 -13.29 7.61 12.52
C TYR A 158 -12.23 8.69 12.27
N ASP A 159 -12.14 9.73 13.09
CA ASP A 159 -11.16 10.78 12.87
C ASP A 159 -9.92 10.61 13.73
N CYS A 160 -9.79 9.47 14.41
CA CYS A 160 -8.83 9.28 15.49
C CYS A 160 -7.73 8.31 15.09
N VAL A 161 -6.49 8.69 15.36
CA VAL A 161 -5.31 7.92 14.99
C VAL A 161 -4.83 7.16 16.22
N SER A 162 -4.91 5.84 16.15
CA SER A 162 -4.41 4.97 17.22
C SER A 162 -2.99 4.57 16.85
N PHE A 163 -2.00 5.26 17.42
CA PHE A 163 -0.62 4.85 17.20
C PHE A 163 -0.34 3.57 17.98
N CYS A 164 0.27 2.59 17.32
CA CYS A 164 0.55 1.31 17.97
C CYS A 164 1.99 0.83 17.83
N TYR A 165 2.84 1.51 17.07
CA TYR A 165 4.16 0.96 16.84
C TYR A 165 5.13 2.07 16.49
N MET A 166 6.39 1.88 16.91
CA MET A 166 7.50 2.73 16.49
C MET A 166 8.66 1.81 16.13
N HIS A 167 9.29 2.08 15.01
CA HIS A 167 10.36 1.22 14.50
C HIS A 167 11.71 1.52 15.16
N HIS A 168 12.47 0.43 15.49
CA HIS A 168 13.79 0.49 16.12
C HIS A 168 14.86 -0.37 15.44
N MET A 169 14.51 -1.55 14.91
CA MET A 169 15.58 -2.42 14.44
C MET A 169 15.11 -3.46 13.42
N GLU A 170 16.10 -3.95 12.68
CA GLU A 170 15.95 -5.08 11.76
C GLU A 170 16.75 -6.25 12.32
N LEU A 171 16.11 -7.40 12.39
CA LEU A 171 16.79 -8.59 12.86
C LEU A 171 17.60 -9.20 11.72
N PRO A 172 18.57 -10.06 12.03
CA PRO A 172 19.41 -10.65 10.97
C PRO A 172 18.62 -11.37 9.89
N THR A 173 17.43 -11.89 10.23
CA THR A 173 16.58 -12.57 9.25
C THR A 173 15.88 -11.62 8.30
N GLY A 174 15.89 -10.31 8.58
CA GLY A 174 15.25 -9.34 7.74
C GLY A 174 13.87 -8.90 8.18
N VAL A 175 13.30 -9.51 9.22
CA VAL A 175 12.09 -9.01 9.85
C VAL A 175 12.48 -7.86 10.77
N HIS A 176 11.48 -7.23 11.41
CA HIS A 176 11.71 -5.99 12.13
C HIS A 176 11.10 -6.04 13.53
N ALA A 177 11.66 -5.22 14.42
CA ALA A 177 11.22 -5.18 15.80
C ALA A 177 11.12 -3.74 16.27
N GLY A 178 10.24 -3.52 17.23
CA GLY A 178 9.94 -2.18 17.67
C GLY A 178 9.07 -2.22 18.90
N THR A 179 8.60 -1.03 19.28
CA THR A 179 7.92 -0.80 20.53
C THR A 179 6.55 -0.19 20.27
N ASP A 180 5.65 -0.33 21.24
CA ASP A 180 4.49 0.54 21.30
C ASP A 180 4.96 1.95 21.60
N LEU A 181 4.03 2.89 21.70
CA LEU A 181 4.46 4.26 21.88
C LEU A 181 4.71 4.63 23.33
N GLU A 182 4.46 3.70 24.26
CA GLU A 182 4.96 3.81 25.62
C GLU A 182 6.41 3.37 25.74
N GLY A 183 7.04 2.94 24.64
CA GLY A 183 8.43 2.52 24.62
C GLY A 183 8.68 1.05 24.89
N ASN A 184 7.65 0.27 25.17
CA ASN A 184 7.82 -1.15 25.43
C ASN A 184 7.92 -1.93 24.12
N PHE A 185 8.95 -2.78 24.02
CA PHE A 185 9.12 -3.57 22.82
C PHE A 185 7.97 -4.55 22.65
N TYR A 186 7.67 -4.85 21.39
CA TYR A 186 6.94 -6.06 21.05
C TYR A 186 7.98 -7.18 20.95
N GLY A 187 7.79 -8.21 21.76
CA GLY A 187 8.69 -9.34 21.75
C GLY A 187 9.87 -9.18 22.69
N PRO A 188 10.73 -10.21 22.68
CA PRO A 188 11.88 -10.25 23.61
C PRO A 188 13.10 -9.54 23.10
N PHE A 189 12.92 -8.44 22.40
CA PHE A 189 14.03 -7.77 21.76
C PHE A 189 14.50 -6.60 22.62
N VAL A 190 15.73 -6.16 22.35
CA VAL A 190 16.39 -5.13 23.13
C VAL A 190 17.05 -4.18 22.16
N ASP A 191 17.01 -2.89 22.50
CA ASP A 191 17.58 -1.87 21.63
C ASP A 191 19.08 -1.69 21.93
N ARG A 192 19.81 -2.78 21.72
CA ARG A 192 21.26 -2.77 21.59
C ARG A 192 21.63 -3.40 20.25
N GLN A 193 22.80 -3.00 19.74
CA GLN A 193 23.27 -3.45 18.44
C GLN A 193 23.87 -4.86 18.56
N THR A 194 23.00 -5.82 18.85
CA THR A 194 23.35 -7.23 18.88
C THR A 194 22.41 -8.01 17.97
N ALA A 195 22.94 -9.06 17.35
CA ALA A 195 22.15 -9.91 16.48
C ALA A 195 21.16 -10.69 17.31
N GLN A 196 19.88 -10.56 17.01
CA GLN A 196 18.84 -11.12 17.86
C GLN A 196 17.89 -11.95 17.02
N ALA A 197 17.70 -13.20 17.43
CA ALA A 197 16.72 -14.09 16.82
C ALA A 197 15.40 -13.98 17.56
N ALA A 198 14.33 -14.31 16.86
CA ALA A 198 12.99 -14.27 17.44
C ALA A 198 12.53 -15.68 17.75
N GLY A 199 11.41 -15.78 18.45
CA GLY A 199 10.71 -17.04 18.54
C GLY A 199 10.36 -17.57 17.15
N THR A 200 10.03 -18.85 17.09
CA THR A 200 9.58 -19.41 15.82
C THR A 200 8.24 -18.78 15.46
N ASP A 201 8.14 -18.24 14.26
CA ASP A 201 6.89 -17.59 13.92
C ASP A 201 5.85 -18.65 13.58
N THR A 202 4.60 -18.22 13.58
CA THR A 202 3.47 -19.06 13.20
C THR A 202 2.54 -18.21 12.34
N THR A 203 1.65 -18.89 11.63
CA THR A 203 0.73 -18.24 10.72
C THR A 203 -0.55 -17.87 11.43
N ILE A 204 -1.13 -16.74 11.06
CA ILE A 204 -2.30 -16.18 11.77
C ILE A 204 -3.54 -16.81 11.15
N THR A 205 -4.01 -17.89 11.76
CA THR A 205 -5.03 -18.72 11.13
C THR A 205 -6.32 -17.94 10.88
N VAL A 206 -6.77 -17.17 11.86
CA VAL A 206 -8.04 -16.47 11.68
C VAL A 206 -7.93 -15.47 10.55
N ASN A 207 -6.72 -14.97 10.27
CA ASN A 207 -6.51 -14.11 9.12
C ASN A 207 -6.46 -14.89 7.82
N VAL A 208 -5.93 -16.13 7.85
CA VAL A 208 -5.92 -16.94 6.65
C VAL A 208 -7.35 -17.30 6.25
N LEU A 209 -8.19 -17.61 7.25
CA LEU A 209 -9.58 -17.92 6.97
C LEU A 209 -10.32 -16.70 6.43
N ALA A 210 -10.11 -15.53 7.04
CA ALA A 210 -10.73 -14.31 6.52
C ALA A 210 -10.37 -14.11 5.05
N TRP A 211 -9.13 -14.41 4.69
CA TRP A 211 -8.64 -14.18 3.33
C TRP A 211 -9.22 -15.19 2.35
N LEU A 212 -9.37 -16.45 2.78
CA LEU A 212 -10.08 -17.42 1.95
C LEU A 212 -11.50 -16.94 1.67
N TYR A 213 -12.23 -16.52 2.72
CA TYR A 213 -13.56 -15.97 2.51
C TYR A 213 -13.53 -14.86 1.47
N ALA A 214 -12.49 -14.03 1.48
CA ALA A 214 -12.42 -12.94 0.53
C ALA A 214 -12.30 -13.45 -0.90
N ALA A 215 -11.48 -14.47 -1.12
CA ALA A 215 -11.33 -15.02 -2.46
C ALA A 215 -12.66 -15.53 -2.99
N VAL A 216 -13.50 -16.07 -2.10
CA VAL A 216 -14.84 -16.51 -2.48
C VAL A 216 -15.69 -15.31 -2.85
N ILE A 217 -15.77 -14.32 -1.96
CA ILE A 217 -16.51 -13.09 -2.24
C ILE A 217 -16.15 -12.55 -3.62
N ASN A 218 -14.87 -12.65 -3.99
CA ASN A 218 -14.40 -12.27 -5.31
C ASN A 218 -14.48 -13.39 -6.34
N GLY A 219 -15.39 -14.35 -6.14
CA GLY A 219 -15.68 -15.35 -7.15
C GLY A 219 -14.58 -16.35 -7.38
N ASP A 220 -13.97 -16.85 -6.32
CA ASP A 220 -12.89 -17.83 -6.43
C ASP A 220 -13.11 -18.85 -5.33
N ARG A 221 -13.51 -20.07 -5.72
CA ARG A 221 -13.88 -21.12 -4.73
C ARG A 221 -13.23 -22.47 -5.04
N TRP A 222 -12.09 -22.50 -5.72
CA TRP A 222 -11.55 -23.79 -6.12
C TRP A 222 -11.08 -24.60 -4.91
N PHE A 223 -10.63 -23.93 -3.84
CA PHE A 223 -10.07 -24.56 -2.65
C PHE A 223 -11.13 -25.20 -1.76
N LEU A 224 -12.40 -24.85 -1.92
CA LEU A 224 -13.45 -25.40 -1.08
C LEU A 224 -13.60 -26.91 -1.27
N ASN A 225 -14.41 -27.51 -0.42
CA ASN A 225 -14.66 -28.94 -0.44
C ASN A 225 -15.96 -29.19 0.33
N ARG A 226 -16.49 -30.40 0.20
CA ARG A 226 -17.77 -30.77 0.78
C ARG A 226 -17.65 -31.32 2.20
N PHE A 227 -16.46 -31.22 2.79
CA PHE A 227 -16.18 -31.82 4.08
C PHE A 227 -16.26 -30.78 5.20
N THR A 228 -16.11 -31.27 6.42
CA THR A 228 -16.22 -30.43 7.61
C THR A 228 -15.23 -30.96 8.65
N THR A 229 -15.16 -30.27 9.79
CA THR A 229 -14.26 -30.61 10.87
C THR A 229 -14.74 -29.95 12.16
N THR A 230 -14.46 -30.62 13.28
CA THR A 230 -14.63 -29.97 14.57
C THR A 230 -13.55 -28.92 14.77
N LEU A 231 -13.80 -28.01 15.70
CA LEU A 231 -12.81 -26.97 15.96
C LEU A 231 -11.53 -27.58 16.50
N ASN A 232 -11.66 -28.52 17.43
CA ASN A 232 -10.47 -29.10 18.05
C ASN A 232 -9.67 -29.90 17.04
N ASP A 233 -10.33 -30.78 16.29
CA ASP A 233 -9.61 -31.54 15.28
C ASP A 233 -8.92 -30.62 14.29
N PHE A 234 -9.53 -29.47 13.98
CA PHE A 234 -8.87 -28.55 13.07
C PHE A 234 -7.65 -27.94 13.71
N ASN A 235 -7.75 -27.62 15.00
CA ASN A 235 -6.62 -26.99 15.71
C ASN A 235 -5.49 -27.98 15.91
N LEU A 236 -5.79 -29.27 16.04
CA LEU A 236 -4.72 -30.26 16.10
C LEU A 236 -3.90 -30.25 14.81
N VAL A 237 -4.58 -30.26 13.66
CA VAL A 237 -3.85 -30.16 12.40
C VAL A 237 -3.18 -28.80 12.28
N ALA A 238 -3.91 -27.74 12.63
CA ALA A 238 -3.37 -26.40 12.50
C ALA A 238 -2.04 -26.26 13.25
N MET A 239 -1.99 -26.74 14.48
CA MET A 239 -0.76 -26.61 15.26
C MET A 239 0.33 -27.50 14.72
N LYS A 240 -0.03 -28.63 14.11
CA LYS A 240 0.99 -29.48 13.53
C LYS A 240 1.77 -28.73 12.47
N TYR A 241 1.09 -27.84 11.73
CA TYR A 241 1.70 -27.09 10.64
C TYR A 241 2.16 -25.71 11.08
N ASN A 242 2.31 -25.48 12.39
CA ASN A 242 2.72 -24.20 12.94
C ASN A 242 1.77 -23.09 12.51
N TYR A 243 0.47 -23.36 12.68
CA TYR A 243 -0.59 -22.38 12.49
C TYR A 243 -1.19 -22.07 13.86
N GLU A 244 -1.49 -20.80 14.10
CA GLU A 244 -2.13 -20.41 15.35
C GLU A 244 -3.38 -21.23 15.59
N PRO A 245 -3.72 -21.54 16.84
CA PRO A 245 -5.02 -22.15 17.10
C PRO A 245 -6.15 -21.14 16.85
N LEU A 246 -7.32 -21.68 16.52
CA LEU A 246 -8.52 -20.88 16.30
C LEU A 246 -9.34 -20.96 17.57
N THR A 247 -9.66 -19.80 18.15
CA THR A 247 -10.51 -19.67 19.32
C THR A 247 -11.99 -19.56 18.90
N GLN A 248 -12.88 -19.67 19.89
CA GLN A 248 -14.29 -19.43 19.59
C GLN A 248 -14.54 -17.98 19.20
N ASP A 249 -13.91 -17.04 19.91
CA ASP A 249 -13.99 -15.65 19.48
C ASP A 249 -13.53 -15.49 18.03
N HIS A 250 -12.47 -16.19 17.64
CA HIS A 250 -12.06 -16.19 16.23
C HIS A 250 -13.21 -16.66 15.34
N VAL A 251 -13.91 -17.72 15.74
CA VAL A 251 -15.06 -18.19 14.96
C VAL A 251 -16.16 -17.14 14.96
N ASP A 252 -16.47 -16.57 16.13
CA ASP A 252 -17.48 -15.52 16.20
C ASP A 252 -17.14 -14.37 15.26
N ILE A 253 -15.88 -13.93 15.30
CA ILE A 253 -15.46 -12.79 14.48
C ILE A 253 -15.64 -13.10 13.00
N LEU A 254 -15.52 -14.37 12.61
CA LEU A 254 -15.68 -14.77 11.21
C LEU A 254 -17.15 -14.90 10.79
N GLY A 255 -18.09 -14.72 11.70
CA GLY A 255 -19.50 -14.92 11.41
C GLY A 255 -19.98 -14.16 10.20
N PRO A 256 -19.78 -12.85 10.20
CA PRO A 256 -20.22 -12.03 9.06
C PRO A 256 -19.81 -12.58 7.71
N LEU A 257 -18.54 -12.94 7.57
CA LEU A 257 -18.09 -13.52 6.32
C LEU A 257 -18.75 -14.87 6.07
N SER A 258 -18.91 -15.66 7.12
CA SER A 258 -19.62 -16.93 6.98
C SER A 258 -21.02 -16.70 6.45
N ALA A 259 -21.73 -15.72 7.02
CA ALA A 259 -23.06 -15.36 6.57
C ALA A 259 -23.04 -14.82 5.14
N GLN A 260 -22.23 -13.79 4.90
CA GLN A 260 -22.18 -13.16 3.58
C GLN A 260 -21.98 -14.17 2.47
N THR A 261 -21.42 -15.35 2.77
CA THR A 261 -21.07 -16.33 1.76
C THR A 261 -21.79 -17.66 1.91
N GLY A 262 -22.52 -17.87 3.01
CA GLY A 262 -23.14 -19.16 3.25
C GLY A 262 -22.15 -20.29 3.35
N ILE A 263 -20.98 -20.03 3.92
CA ILE A 263 -19.92 -21.01 4.11
C ILE A 263 -19.64 -21.04 5.59
N ALA A 264 -20.07 -22.10 6.25
CA ALA A 264 -19.85 -22.21 7.68
C ALA A 264 -18.36 -22.13 7.98
N VAL A 265 -18.03 -21.51 9.12
CA VAL A 265 -16.64 -21.31 9.48
C VAL A 265 -15.90 -22.64 9.49
N LEU A 266 -16.50 -23.64 10.13
CA LEU A 266 -15.85 -24.95 10.21
C LEU A 266 -15.75 -25.60 8.84
N ASP A 267 -16.63 -25.24 7.90
CA ASP A 267 -16.43 -25.72 6.53
C ASP A 267 -15.18 -25.09 5.93
N MET A 268 -14.98 -23.78 6.15
CA MET A 268 -13.76 -23.15 5.64
C MET A 268 -12.52 -23.70 6.33
N CYS A 269 -12.64 -24.08 7.61
CA CYS A 269 -11.55 -24.78 8.30
C CYS A 269 -11.22 -26.11 7.61
N ALA A 270 -12.24 -26.86 7.18
CA ALA A 270 -12.01 -28.07 6.40
C ALA A 270 -11.29 -27.77 5.09
N SER A 271 -11.74 -26.74 4.38
CA SER A 271 -11.02 -26.30 3.19
C SER A 271 -9.56 -26.02 3.53
N LEU A 272 -9.31 -25.12 4.50
CA LEU A 272 -7.93 -24.78 4.86
C LEU A 272 -7.16 -26.02 5.30
N LYS A 273 -7.80 -26.94 6.00
CA LYS A 273 -7.13 -28.19 6.37
C LYS A 273 -6.65 -28.94 5.13
N GLU A 274 -7.54 -29.10 4.14
CA GLU A 274 -7.14 -29.77 2.91
C GLU A 274 -5.95 -29.07 2.28
N LEU A 275 -5.97 -27.73 2.29
CA LEU A 275 -4.89 -26.97 1.66
C LEU A 275 -3.56 -27.19 2.38
N LEU A 276 -3.59 -27.37 3.70
CA LEU A 276 -2.34 -27.56 4.43
C LEU A 276 -1.78 -28.97 4.19
N GLN A 277 -2.65 -29.94 3.94
CA GLN A 277 -2.21 -31.31 3.72
C GLN A 277 -1.91 -31.60 2.25
N ASN A 278 -2.55 -30.88 1.33
CA ASN A 278 -2.38 -31.09 -0.10
C ASN A 278 -1.51 -30.05 -0.77
N GLY A 279 -1.53 -28.81 -0.28
CA GLY A 279 -0.86 -27.71 -0.95
C GLY A 279 -1.78 -27.06 -1.96
N MET A 280 -1.19 -26.15 -2.74
CA MET A 280 -1.94 -25.48 -3.80
C MET A 280 -1.67 -26.10 -5.17
N ASN A 281 -0.59 -26.86 -5.30
CA ASN A 281 -0.32 -27.70 -6.46
C ASN A 281 -0.42 -26.90 -7.76
N GLY A 282 0.20 -25.72 -7.73
CA GLY A 282 0.19 -24.83 -8.87
C GLY A 282 -0.81 -23.71 -8.71
N ARG A 283 -2.04 -24.08 -8.37
CA ARG A 283 -3.14 -23.11 -8.29
C ARG A 283 -2.76 -21.91 -7.43
N THR A 284 -3.57 -20.87 -7.50
CA THR A 284 -3.34 -19.68 -6.69
C THR A 284 -4.69 -19.18 -6.18
N ILE A 285 -4.62 -18.41 -5.09
CA ILE A 285 -5.77 -17.72 -4.52
C ILE A 285 -5.46 -16.23 -4.52
N LEU A 286 -6.39 -15.44 -5.04
CA LEU A 286 -6.24 -13.98 -5.08
C LEU A 286 -4.84 -13.60 -5.55
N GLY A 287 -4.41 -14.26 -6.62
CA GLY A 287 -3.10 -14.03 -7.20
C GLY A 287 -1.95 -14.72 -6.50
N SER A 288 -2.10 -15.09 -5.23
CA SER A 288 -0.98 -15.54 -4.42
C SER A 288 -0.87 -17.06 -4.39
N ALA A 289 0.37 -17.53 -4.40
CA ALA A 289 0.71 -18.93 -4.24
C ALA A 289 1.01 -19.31 -2.80
N LEU A 290 0.99 -18.36 -1.88
CA LEU A 290 1.11 -18.60 -0.45
C LEU A 290 -0.19 -18.21 0.21
N LEU A 291 -0.49 -18.84 1.34
CA LEU A 291 -1.69 -18.51 2.10
C LEU A 291 -1.46 -17.22 2.88
N GLU A 292 -2.20 -16.17 2.56
CA GLU A 292 -1.93 -14.84 3.11
C GLU A 292 -2.60 -14.69 4.47
N ASP A 293 -1.85 -14.18 5.45
CA ASP A 293 -2.34 -14.13 6.82
C ASP A 293 -2.19 -12.74 7.45
N GLU A 294 -2.14 -11.68 6.63
CA GLU A 294 -2.11 -10.31 7.16
C GLU A 294 -3.36 -9.51 6.74
N PHE A 295 -4.47 -10.22 6.53
CA PHE A 295 -5.79 -9.60 6.44
C PHE A 295 -6.62 -10.11 7.62
N THR A 296 -7.03 -9.20 8.49
CA THR A 296 -7.95 -9.59 9.55
C THR A 296 -9.36 -9.73 8.99
N PRO A 297 -10.26 -10.38 9.73
CA PRO A 297 -11.67 -10.35 9.35
C PRO A 297 -12.21 -8.95 9.18
N PHE A 298 -11.86 -8.03 10.10
CA PHE A 298 -12.32 -6.65 9.99
C PHE A 298 -11.79 -6.00 8.72
N ASP A 299 -10.51 -6.20 8.42
CA ASP A 299 -9.95 -5.67 7.18
C ASP A 299 -10.78 -6.14 5.98
N VAL A 300 -11.07 -7.45 5.94
CA VAL A 300 -11.79 -8.03 4.81
C VAL A 300 -13.18 -7.42 4.69
N VAL A 301 -13.91 -7.35 5.81
CA VAL A 301 -15.29 -6.88 5.78
C VAL A 301 -15.36 -5.45 5.24
N ARG A 302 -14.60 -4.54 5.86
CA ARG A 302 -14.67 -3.13 5.46
C ARG A 302 -14.49 -2.96 3.96
N GLN A 303 -13.66 -3.80 3.35
CA GLN A 303 -13.30 -3.70 1.94
C GLN A 303 -14.25 -4.48 1.02
N CYS A 304 -15.19 -5.24 1.57
CA CYS A 304 -16.16 -5.98 0.77
C CYS A 304 -17.58 -5.54 1.10
N ARG B 8 7.33 -5.81 -0.83
CA ARG B 8 5.88 -5.64 -0.74
C ARG B 8 5.38 -4.50 -1.62
N LYS B 9 4.08 -4.54 -1.94
CA LYS B 9 3.42 -3.38 -2.54
C LYS B 9 3.40 -2.26 -1.50
N MET B 10 3.96 -1.11 -1.87
CA MET B 10 4.11 0.02 -0.97
C MET B 10 3.61 1.28 -1.68
N ALA B 11 2.63 1.91 -1.08
CA ALA B 11 2.04 3.10 -1.68
C ALA B 11 2.84 4.33 -1.29
N PHE B 12 2.76 5.35 -2.15
CA PHE B 12 3.22 6.67 -1.75
C PHE B 12 2.36 7.19 -0.60
N PRO B 13 2.91 8.06 0.25
CA PRO B 13 2.08 8.72 1.27
C PRO B 13 1.00 9.56 0.59
N SER B 14 -0.20 9.52 1.15
CA SER B 14 -1.39 10.00 0.44
C SER B 14 -1.84 11.39 0.87
N GLY B 15 -1.21 11.97 1.88
CA GLY B 15 -1.74 13.19 2.47
C GLY B 15 -1.88 14.32 1.47
N LYS B 16 -0.88 14.51 0.61
CA LYS B 16 -0.98 15.56 -0.41
C LYS B 16 -2.18 15.34 -1.33
N VAL B 17 -2.57 14.08 -1.58
CA VAL B 17 -3.75 13.82 -2.40
C VAL B 17 -5.03 13.86 -1.57
N GLU B 18 -4.95 13.51 -0.28
CA GLU B 18 -6.11 13.67 0.59
C GLU B 18 -6.56 15.12 0.65
N GLY B 19 -5.62 16.06 0.69
CA GLY B 19 -5.93 17.47 0.73
C GLY B 19 -6.61 18.00 -0.51
N CYS B 20 -6.77 17.16 -1.53
CA CYS B 20 -7.39 17.54 -2.80
C CYS B 20 -8.73 16.86 -3.05
N MET B 21 -9.18 15.98 -2.18
CA MET B 21 -10.40 15.22 -2.46
C MET B 21 -11.62 16.00 -1.99
N VAL B 22 -12.62 16.08 -2.87
CA VAL B 22 -13.95 16.60 -2.56
C VAL B 22 -14.99 15.66 -3.13
N GLN B 23 -16.26 15.98 -2.91
CA GLN B 23 -17.36 15.22 -3.46
C GLN B 23 -18.20 16.13 -4.36
N VAL B 24 -18.73 15.53 -5.42
CA VAL B 24 -19.48 16.24 -6.45
C VAL B 24 -20.80 15.52 -6.63
N THR B 25 -21.89 16.26 -6.58
CA THR B 25 -23.22 15.68 -6.57
C THR B 25 -24.10 16.37 -7.61
N CYS B 26 -24.74 15.55 -8.44
CA CYS B 26 -25.81 15.97 -9.35
C CYS B 26 -27.04 15.15 -9.00
N GLY B 27 -28.11 15.83 -8.61
CA GLY B 27 -29.29 15.16 -8.12
C GLY B 27 -28.95 14.30 -6.94
N THR B 28 -29.05 12.98 -7.10
CA THR B 28 -28.63 12.04 -6.07
C THR B 28 -27.33 11.34 -6.41
N THR B 29 -26.77 11.56 -7.60
CA THR B 29 -25.55 10.87 -8.02
C THR B 29 -24.35 11.59 -7.41
N THR B 30 -23.65 10.92 -6.49
CA THR B 30 -22.47 11.49 -5.85
C THR B 30 -21.27 10.63 -6.19
N LEU B 31 -20.21 11.28 -6.66
CA LEU B 31 -18.90 10.63 -6.75
C LEU B 31 -17.85 11.59 -6.21
N ASN B 32 -16.59 11.24 -6.33
CA ASN B 32 -15.51 12.08 -5.87
C ASN B 32 -14.98 12.93 -7.02
N GLY B 33 -14.41 14.08 -6.66
CA GLY B 33 -13.67 14.90 -7.59
C GLY B 33 -12.37 15.36 -6.97
N LEU B 34 -11.54 15.99 -7.81
CA LEU B 34 -10.18 16.36 -7.46
C LEU B 34 -10.06 17.86 -7.59
N TRP B 35 -9.74 18.53 -6.47
CA TRP B 35 -9.75 19.98 -6.34
C TRP B 35 -8.31 20.49 -6.37
N LEU B 36 -7.92 21.11 -7.48
CA LEU B 36 -6.58 21.63 -7.68
C LEU B 36 -6.71 23.09 -8.08
N ASP B 37 -6.16 23.99 -7.26
CA ASP B 37 -6.38 25.42 -7.44
C ASP B 37 -7.89 25.63 -7.50
N ASP B 38 -8.43 26.32 -8.51
CA ASP B 38 -9.85 26.66 -8.58
C ASP B 38 -10.63 25.79 -9.56
N VAL B 39 -10.14 24.58 -9.84
CA VAL B 39 -10.81 23.65 -10.71
C VAL B 39 -11.03 22.33 -9.97
N VAL B 40 -12.21 21.74 -10.17
CA VAL B 40 -12.54 20.42 -9.66
C VAL B 40 -12.74 19.48 -10.85
N TYR B 41 -12.02 18.36 -10.82
CA TYR B 41 -12.08 17.34 -11.88
C TYR B 41 -12.86 16.15 -11.36
N CYS B 42 -13.78 15.64 -12.17
CA CYS B 42 -14.51 14.43 -11.80
C CYS B 42 -14.98 13.72 -13.06
N PRO B 43 -15.46 12.48 -12.93
CA PRO B 43 -16.05 11.79 -14.09
C PRO B 43 -17.34 12.46 -14.52
N ARG B 44 -17.52 12.58 -15.83
CA ARG B 44 -18.70 13.25 -16.35
C ARG B 44 -20.00 12.51 -16.07
N HIS B 45 -19.95 11.20 -15.81
CA HIS B 45 -21.21 10.49 -15.61
C HIS B 45 -21.88 10.87 -14.31
N VAL B 46 -21.27 11.78 -13.54
CA VAL B 46 -21.98 12.34 -12.40
C VAL B 46 -23.28 12.98 -12.84
N ILE B 47 -23.32 13.54 -14.06
CA ILE B 47 -24.54 14.15 -14.59
C ILE B 47 -25.57 13.13 -15.04
N CYS B 48 -25.25 11.84 -14.96
CA CYS B 48 -26.14 10.78 -15.43
C CYS B 48 -27.01 10.30 -14.27
N THR B 49 -28.31 10.22 -14.51
CA THR B 49 -29.14 9.36 -13.67
C THR B 49 -28.74 7.91 -13.90
N SER B 50 -29.12 7.05 -12.95
CA SER B 50 -28.83 5.62 -13.09
C SER B 50 -29.33 5.10 -14.42
N GLU B 51 -30.51 5.56 -14.85
CA GLU B 51 -31.07 5.11 -16.13
C GLU B 51 -30.33 5.71 -17.31
N ASP B 52 -29.87 6.97 -17.18
CA ASP B 52 -29.12 7.60 -18.25
C ASP B 52 -27.85 6.83 -18.59
N MET B 53 -27.36 6.03 -17.64
CA MET B 53 -26.05 5.44 -17.82
C MET B 53 -26.07 4.32 -18.84
N LEU B 54 -27.24 3.75 -19.13
CA LEU B 54 -27.30 2.61 -20.04
C LEU B 54 -26.82 2.99 -21.43
N ASN B 55 -27.12 4.21 -21.88
CA ASN B 55 -26.49 4.74 -23.08
C ASN B 55 -26.69 6.25 -23.11
N PRO B 56 -25.86 6.99 -22.37
CA PRO B 56 -26.11 8.41 -22.19
C PRO B 56 -25.75 9.21 -23.43
N ASN B 57 -26.38 10.38 -23.53
CA ASN B 57 -25.99 11.41 -24.49
C ASN B 57 -25.38 12.54 -23.65
N TYR B 58 -24.05 12.50 -23.51
CA TYR B 58 -23.39 13.38 -22.56
C TYR B 58 -23.55 14.84 -22.95
N GLU B 59 -23.47 15.13 -24.25
CA GLU B 59 -23.61 16.53 -24.68
C GLU B 59 -25.02 17.04 -24.38
N ASP B 60 -26.04 16.24 -24.67
CA ASP B 60 -27.40 16.67 -24.38
C ASP B 60 -27.65 16.74 -22.88
N LEU B 61 -27.07 15.82 -22.12
CA LEU B 61 -27.20 15.86 -20.67
C LEU B 61 -26.49 17.06 -20.08
N LEU B 62 -25.44 17.53 -20.77
CA LEU B 62 -24.65 18.65 -20.27
C LEU B 62 -25.31 19.99 -20.59
N ILE B 63 -25.85 20.13 -21.80
CA ILE B 63 -26.56 21.36 -22.16
C ILE B 63 -27.64 21.66 -21.14
N ARG B 64 -28.32 20.61 -20.65
CA ARG B 64 -29.39 20.81 -19.69
C ARG B 64 -28.89 21.26 -18.33
N LYS B 65 -27.58 21.29 -18.11
CA LYS B 65 -27.02 21.58 -16.80
C LYS B 65 -26.59 23.04 -16.70
N SER B 66 -26.65 23.55 -15.48
CA SER B 66 -26.10 24.86 -15.15
C SER B 66 -25.18 24.72 -13.95
N ASN B 67 -24.36 25.74 -13.74
CA ASN B 67 -23.44 25.74 -12.60
C ASN B 67 -24.17 25.38 -11.32
N HIS B 68 -25.39 25.91 -11.13
CA HIS B 68 -26.06 25.75 -9.86
C HIS B 68 -26.68 24.37 -9.68
N ASN B 69 -26.62 23.50 -10.69
CA ASN B 69 -26.98 22.09 -10.50
C ASN B 69 -25.86 21.27 -9.86
N PHE B 70 -24.67 21.83 -9.67
CA PHE B 70 -23.50 21.07 -9.25
C PHE B 70 -23.23 21.37 -7.78
N LEU B 71 -23.42 20.37 -6.94
CA LEU B 71 -23.06 20.49 -5.52
C LEU B 71 -21.66 19.94 -5.35
N VAL B 72 -20.71 20.82 -5.04
CA VAL B 72 -19.33 20.42 -4.75
C VAL B 72 -19.09 20.71 -3.27
N GLN B 73 -18.68 19.69 -2.53
CA GLN B 73 -18.41 19.82 -1.09
C GLN B 73 -17.04 19.27 -0.73
N ALA B 74 -16.25 20.09 -0.07
CA ALA B 74 -15.12 19.62 0.73
C ALA B 74 -15.66 19.40 2.14
N GLY B 75 -15.71 18.16 2.57
CA GLY B 75 -16.37 17.89 3.85
C GLY B 75 -17.83 18.27 3.73
N ASN B 76 -18.31 19.05 4.68
CA ASN B 76 -19.66 19.61 4.61
C ASN B 76 -19.69 21.02 4.03
N VAL B 77 -18.54 21.54 3.60
CA VAL B 77 -18.43 22.92 3.16
C VAL B 77 -18.65 22.98 1.66
N GLN B 78 -19.62 23.77 1.23
CA GLN B 78 -19.92 23.87 -0.19
C GLN B 78 -18.92 24.79 -0.88
N LEU B 79 -18.43 24.35 -2.03
CA LEU B 79 -17.71 25.20 -2.96
C LEU B 79 -18.65 25.54 -4.10
N ARG B 80 -18.99 26.83 -4.21
CA ARG B 80 -19.83 27.30 -5.30
C ARG B 80 -19.12 27.07 -6.62
N VAL B 81 -19.83 26.45 -7.55
CA VAL B 81 -19.36 26.27 -8.92
C VAL B 81 -19.67 27.54 -9.71
N ILE B 82 -18.67 28.06 -10.43
CA ILE B 82 -18.83 29.27 -11.22
C ILE B 82 -18.67 29.02 -12.72
N GLY B 83 -18.40 27.80 -13.13
CA GLY B 83 -18.28 27.48 -14.53
C GLY B 83 -18.03 26.00 -14.68
N HIS B 84 -18.34 25.50 -15.87
CA HIS B 84 -18.24 24.07 -16.14
C HIS B 84 -17.92 23.83 -17.60
N SER B 85 -17.14 22.78 -17.85
CA SER B 85 -16.86 22.32 -19.20
C SER B 85 -16.58 20.83 -19.15
N MET B 86 -16.69 20.18 -20.31
CA MET B 86 -16.45 18.75 -20.43
C MET B 86 -15.24 18.54 -21.34
N GLN B 87 -14.24 17.84 -20.84
CA GLN B 87 -13.03 17.49 -21.58
C GLN B 87 -12.94 15.97 -21.63
N ASN B 88 -13.36 15.40 -22.77
CA ASN B 88 -13.40 13.95 -22.97
C ASN B 88 -14.35 13.35 -21.95
N CYS B 89 -13.93 12.44 -21.08
CA CYS B 89 -14.82 11.81 -20.12
C CYS B 89 -14.76 12.42 -18.74
N VAL B 90 -14.12 13.58 -18.58
CA VAL B 90 -14.07 14.19 -17.26
CA VAL B 90 -13.98 14.23 -17.28
C VAL B 90 -14.74 15.56 -17.30
N LEU B 91 -15.22 15.96 -16.13
CA LEU B 91 -15.86 17.26 -15.94
C LEU B 91 -14.88 18.16 -15.22
N LYS B 92 -14.70 19.38 -15.72
CA LYS B 92 -13.91 20.41 -15.08
C LYS B 92 -14.85 21.50 -14.59
N LEU B 93 -14.93 21.64 -13.28
CA LEU B 93 -15.80 22.63 -12.64
C LEU B 93 -14.94 23.74 -12.06
N LYS B 94 -15.17 24.96 -12.55
CA LYS B 94 -14.53 26.14 -11.97
C LYS B 94 -15.22 26.46 -10.66
N VAL B 95 -14.45 26.60 -9.59
CA VAL B 95 -15.00 26.96 -8.28
C VAL B 95 -14.41 28.29 -7.85
N ASP B 96 -15.08 28.89 -6.87
CA ASP B 96 -14.79 30.26 -6.46
C ASP B 96 -13.74 30.33 -5.37
N THR B 97 -13.13 29.20 -5.01
CA THR B 97 -12.09 29.15 -3.99
C THR B 97 -10.92 28.33 -4.54
N ALA B 98 -9.72 28.91 -4.49
CA ALA B 98 -8.51 28.14 -4.79
C ALA B 98 -8.18 27.23 -3.63
N ASN B 99 -7.83 25.98 -3.93
CA ASN B 99 -7.53 25.03 -2.86
C ASN B 99 -6.23 25.41 -2.17
N PRO B 100 -6.25 25.80 -0.90
CA PRO B 100 -4.99 26.16 -0.21
C PRO B 100 -4.06 24.99 -0.01
N LYS B 101 -4.59 23.76 -0.05
CA LYS B 101 -3.80 22.55 0.09
C LYS B 101 -3.31 22.01 -1.26
N THR B 102 -3.34 22.83 -2.30
CA THR B 102 -2.91 22.39 -3.61
C THR B 102 -1.43 22.07 -3.60
N PRO B 103 -1.01 20.84 -3.93
CA PRO B 103 0.41 20.55 -4.06
C PRO B 103 0.91 21.01 -5.42
N LYS B 104 2.22 20.98 -5.57
CA LYS B 104 2.82 20.98 -6.90
C LYS B 104 2.36 19.73 -7.63
N TYR B 105 1.95 19.87 -8.88
CA TYR B 105 1.30 18.74 -9.53
C TYR B 105 1.42 18.81 -11.04
N LYS B 106 1.26 17.65 -11.67
CA LYS B 106 1.18 17.54 -13.12
C LYS B 106 0.22 16.41 -13.48
N PHE B 107 -0.30 16.48 -14.70
CA PHE B 107 -1.15 15.43 -15.27
C PHE B 107 -0.32 14.61 -16.24
N VAL B 108 -0.13 13.33 -15.95
CA VAL B 108 0.68 12.45 -16.79
C VAL B 108 -0.13 11.23 -17.20
N ARG B 109 0.09 10.76 -18.42
CA ARG B 109 -0.55 9.54 -18.91
C ARG B 109 0.50 8.44 -18.86
N ILE B 110 0.27 7.44 -18.01
CA ILE B 110 1.24 6.38 -17.83
C ILE B 110 1.06 5.30 -18.89
N GLN B 111 2.12 4.51 -19.10
CA GLN B 111 2.10 3.37 -20.00
C GLN B 111 1.67 2.12 -19.25
N PRO B 112 1.15 1.11 -19.95
CA PRO B 112 0.92 -0.18 -19.28
C PRO B 112 2.20 -0.69 -18.64
N GLY B 113 2.04 -1.37 -17.51
CA GLY B 113 3.14 -1.81 -16.72
C GLY B 113 3.52 -0.88 -15.58
N GLN B 114 3.40 0.43 -15.78
CA GLN B 114 3.78 1.37 -14.72
C GLN B 114 2.85 1.17 -13.53
N THR B 115 3.39 1.43 -12.33
CA THR B 115 2.62 1.37 -11.10
C THR B 115 2.31 2.77 -10.60
N PHE B 116 1.40 2.82 -9.64
CA PHE B 116 0.91 4.06 -9.07
C PHE B 116 0.04 3.70 -7.89
N SER B 117 -0.02 4.61 -6.92
CA SER B 117 -0.87 4.44 -5.76
C SER B 117 -2.27 4.95 -6.07
N VAL B 118 -3.28 4.31 -5.47
CA VAL B 118 -4.67 4.70 -5.62
C VAL B 118 -5.19 5.07 -4.25
N LEU B 119 -5.84 6.24 -4.15
CA LEU B 119 -6.50 6.68 -2.92
C LEU B 119 -7.99 6.40 -3.10
N ALA B 120 -8.44 5.26 -2.56
CA ALA B 120 -9.84 4.89 -2.59
C ALA B 120 -10.66 5.83 -1.71
N CYS B 121 -11.58 6.58 -2.33
CA CYS B 121 -12.39 7.57 -1.63
C CYS B 121 -13.87 7.27 -1.79
N TYR B 122 -14.66 7.66 -0.79
CA TYR B 122 -16.11 7.54 -0.85
C TYR B 122 -16.72 8.78 -0.23
N ASN B 123 -17.71 9.36 -0.92
CA ASN B 123 -18.33 10.62 -0.50
C ASN B 123 -17.26 11.65 -0.17
N GLY B 124 -16.17 11.63 -0.93
CA GLY B 124 -15.13 12.61 -0.81
C GLY B 124 -14.17 12.38 0.34
N SER B 125 -14.34 11.29 1.12
CA SER B 125 -13.47 10.98 2.24
C SER B 125 -12.55 9.82 1.91
N PRO B 126 -11.24 9.96 2.09
CA PRO B 126 -10.34 8.82 1.87
C PRO B 126 -10.66 7.66 2.81
N SER B 127 -10.65 6.45 2.26
CA SER B 127 -10.76 5.24 3.05
C SER B 127 -9.51 4.35 3.02
N GLY B 128 -8.71 4.43 1.96
CA GLY B 128 -7.61 3.52 1.82
C GLY B 128 -6.67 3.94 0.70
N VAL B 129 -5.42 3.52 0.82
CA VAL B 129 -4.43 3.76 -0.21
C VAL B 129 -3.73 2.42 -0.50
N TYR B 130 -3.51 2.14 -1.79
CA TYR B 130 -2.88 0.90 -2.20
C TYR B 130 -2.18 1.13 -3.54
N GLN B 131 -1.33 0.17 -3.89
CA GLN B 131 -0.50 0.24 -5.08
C GLN B 131 -1.15 -0.57 -6.19
N CYS B 132 -1.22 0.02 -7.38
CA CYS B 132 -1.83 -0.61 -8.54
C CYS B 132 -0.84 -0.65 -9.68
N ALA B 133 -1.01 -1.65 -10.53
CA ALA B 133 -0.32 -1.72 -11.81
C ALA B 133 -1.34 -1.64 -12.93
N MET B 134 -1.08 -0.75 -13.88
CA MET B 134 -1.81 -0.70 -15.14
C MET B 134 -1.47 -1.94 -15.97
N ARG B 135 -2.43 -2.86 -16.12
CA ARG B 135 -2.15 -4.07 -16.89
C ARG B 135 -1.94 -3.72 -18.36
N PRO B 136 -1.32 -4.64 -19.11
CA PRO B 136 -1.10 -4.39 -20.55
C PRO B 136 -2.40 -4.34 -21.34
N ASN B 137 -3.50 -4.89 -20.81
CA ASN B 137 -4.83 -4.72 -21.37
C ASN B 137 -5.55 -3.48 -20.82
N PHE B 138 -4.82 -2.59 -20.16
CA PHE B 138 -5.33 -1.28 -19.77
C PHE B 138 -6.47 -1.38 -18.76
N THR B 139 -6.49 -2.46 -18.00
CA THR B 139 -7.30 -2.53 -16.78
C THR B 139 -6.37 -2.41 -15.59
N ILE B 140 -6.97 -2.26 -14.41
CA ILE B 140 -6.24 -2.36 -13.16
C ILE B 140 -7.04 -3.29 -12.26
N LYS B 141 -6.34 -4.09 -11.47
CA LYS B 141 -6.97 -4.98 -10.50
C LYS B 141 -7.12 -4.23 -9.18
N GLY B 142 -8.08 -3.30 -9.19
CA GLY B 142 -8.28 -2.39 -8.09
C GLY B 142 -9.24 -2.94 -7.05
N SER B 143 -9.55 -2.08 -6.08
CA SER B 143 -10.48 -2.40 -4.99
C SER B 143 -11.41 -1.20 -4.89
N PHE B 144 -12.49 -1.27 -5.67
CA PHE B 144 -13.40 -0.16 -5.85
C PHE B 144 -14.83 -0.64 -5.67
N LEU B 145 -15.63 0.17 -4.98
CA LEU B 145 -17.03 -0.08 -4.74
C LEU B 145 -17.86 1.06 -5.32
N ASN B 146 -19.18 0.93 -5.24
CA ASN B 146 -20.06 2.02 -5.63
C ASN B 146 -19.68 3.27 -4.86
N GLY B 147 -19.68 4.40 -5.56
CA GLY B 147 -19.27 5.67 -4.98
C GLY B 147 -17.78 5.95 -5.02
N SER B 148 -16.97 5.02 -5.53
CA SER B 148 -15.53 5.24 -5.60
C SER B 148 -15.11 6.07 -6.82
N CYS B 149 -15.97 6.19 -7.83
CA CYS B 149 -15.59 6.95 -9.01
C CYS B 149 -15.09 8.33 -8.62
N GLY B 150 -14.09 8.81 -9.35
CA GLY B 150 -13.38 10.01 -9.01
C GLY B 150 -12.17 9.79 -8.14
N SER B 151 -12.02 8.64 -7.50
CA SER B 151 -10.76 8.28 -6.86
C SER B 151 -9.65 8.31 -7.89
N VAL B 152 -8.46 8.75 -7.47
CA VAL B 152 -7.39 8.98 -8.41
C VAL B 152 -6.17 8.13 -8.08
N GLY B 153 -5.35 7.95 -9.09
CA GLY B 153 -4.07 7.27 -8.95
C GLY B 153 -2.96 8.24 -9.27
N PHE B 154 -1.86 8.14 -8.51
CA PHE B 154 -0.82 9.14 -8.59
C PHE B 154 0.53 8.53 -8.23
N ASN B 155 1.58 9.16 -8.73
CA ASN B 155 2.92 9.01 -8.20
C ASN B 155 3.40 10.36 -7.68
N ILE B 156 4.28 10.31 -6.68
CA ILE B 156 4.93 11.50 -6.14
C ILE B 156 6.41 11.43 -6.51
N ASP B 157 6.90 12.46 -7.21
CA ASP B 157 8.29 12.59 -7.61
C ASP B 157 8.88 13.82 -6.90
N TYR B 158 9.49 13.60 -5.74
CA TYR B 158 10.04 14.69 -4.93
C TYR B 158 8.91 15.46 -4.25
N ASP B 159 8.71 16.72 -4.65
CA ASP B 159 7.61 17.51 -4.10
C ASP B 159 6.32 17.39 -4.91
N CYS B 160 6.40 16.79 -6.10
CA CYS B 160 5.38 16.97 -7.12
C CYS B 160 4.52 15.71 -7.23
N VAL B 161 3.21 15.91 -7.20
CA VAL B 161 2.26 14.82 -7.40
C VAL B 161 1.90 14.75 -8.88
N SER B 162 2.22 13.61 -9.50
CA SER B 162 1.82 13.33 -10.87
C SER B 162 0.55 12.51 -10.83
N PHE B 163 -0.57 13.15 -11.17
CA PHE B 163 -1.85 12.46 -11.27
C PHE B 163 -1.93 11.72 -12.60
N CYS B 164 -2.27 10.42 -12.54
CA CYS B 164 -2.29 9.59 -13.74
C CYS B 164 -3.58 8.82 -13.96
N TYR B 165 -4.45 8.70 -12.96
CA TYR B 165 -5.65 7.89 -13.12
C TYR B 165 -6.83 8.50 -12.39
N MET B 166 -8.02 8.36 -12.98
CA MET B 166 -9.29 8.66 -12.33
C MET B 166 -10.24 7.51 -12.64
N HIS B 167 -10.87 6.99 -11.59
CA HIS B 167 -11.66 5.78 -11.70
C HIS B 167 -13.06 6.07 -12.22
N HIS B 168 -13.54 5.21 -13.15
CA HIS B 168 -14.86 5.35 -13.74
C HIS B 168 -15.74 4.10 -13.65
N MET B 169 -15.17 2.90 -13.80
CA MET B 169 -16.04 1.74 -13.90
C MET B 169 -15.32 0.43 -13.56
N GLU B 170 -16.14 -0.58 -13.29
CA GLU B 170 -15.73 -1.96 -13.06
C GLU B 170 -16.23 -2.82 -14.21
N LEU B 171 -15.38 -3.70 -14.72
CA LEU B 171 -15.77 -4.51 -15.86
C LEU B 171 -16.40 -5.82 -15.39
N PRO B 172 -17.05 -6.54 -16.30
CA PRO B 172 -17.62 -7.84 -15.91
C PRO B 172 -16.66 -8.72 -15.14
N THR B 173 -15.43 -8.85 -15.63
CA THR B 173 -14.44 -9.72 -14.99
C THR B 173 -13.99 -9.23 -13.62
N GLY B 174 -14.48 -8.08 -13.13
CA GLY B 174 -14.13 -7.60 -11.82
C GLY B 174 -12.98 -6.61 -11.77
N VAL B 175 -12.20 -6.51 -12.84
CA VAL B 175 -11.14 -5.51 -12.93
C VAL B 175 -11.80 -4.15 -13.20
N HIS B 176 -10.97 -3.12 -13.35
CA HIS B 176 -11.44 -1.74 -13.30
C HIS B 176 -10.83 -0.92 -14.42
N ALA B 177 -11.52 0.16 -14.78
CA ALA B 177 -11.05 1.01 -15.86
C ALA B 177 -11.41 2.47 -15.58
N GLY B 178 -10.67 3.35 -16.23
CA GLY B 178 -10.73 4.76 -15.93
C GLY B 178 -9.89 5.52 -16.93
N THR B 179 -9.68 6.79 -16.64
CA THR B 179 -9.08 7.72 -17.58
C THR B 179 -7.82 8.33 -16.97
N ASP B 180 -7.10 9.09 -17.79
CA ASP B 180 -6.15 10.06 -17.24
C ASP B 180 -6.95 11.29 -16.80
N LEU B 181 -6.25 12.33 -16.37
CA LEU B 181 -6.94 13.52 -15.87
C LEU B 181 -7.28 14.52 -16.96
N GLU B 182 -7.02 14.17 -18.22
CA GLU B 182 -7.65 14.83 -19.35
C GLU B 182 -8.87 14.08 -19.87
N GLY B 183 -9.34 13.08 -19.12
CA GLY B 183 -10.57 12.41 -19.48
C GLY B 183 -10.44 11.34 -20.56
N ASN B 184 -9.23 11.03 -21.00
CA ASN B 184 -9.05 10.01 -22.03
C ASN B 184 -8.90 8.65 -21.38
N PHE B 185 -9.80 7.74 -21.72
CA PHE B 185 -9.78 6.42 -21.12
C PHE B 185 -8.46 5.72 -21.42
N TYR B 186 -8.05 4.87 -20.49
CA TYR B 186 -6.96 3.95 -20.75
C TYR B 186 -7.57 2.72 -21.43
N GLY B 187 -7.08 2.39 -22.60
CA GLY B 187 -7.60 1.25 -23.33
C GLY B 187 -8.91 1.56 -24.03
N PRO B 188 -9.59 0.51 -24.51
CA PRO B 188 -10.68 0.70 -25.48
C PRO B 188 -12.05 0.86 -24.84
N PHE B 189 -12.12 1.48 -23.67
CA PHE B 189 -13.37 1.50 -22.92
C PHE B 189 -14.07 2.85 -23.07
N VAL B 190 -15.34 2.84 -22.69
CA VAL B 190 -16.20 4.02 -22.75
C VAL B 190 -17.02 4.04 -21.49
N ASP B 191 -17.51 5.23 -21.13
CA ASP B 191 -18.28 5.41 -19.91
C ASP B 191 -19.77 5.23 -20.21
N ARG B 192 -20.10 3.99 -20.58
CA ARG B 192 -21.47 3.53 -20.76
C ARG B 192 -21.67 2.27 -19.93
N GLN B 193 -22.85 2.16 -19.31
CA GLN B 193 -23.23 0.97 -18.56
C GLN B 193 -23.66 -0.15 -19.52
N THR B 194 -22.74 -0.51 -20.41
CA THR B 194 -22.93 -1.58 -21.38
C THR B 194 -21.83 -2.63 -21.21
N ALA B 195 -22.10 -3.83 -21.71
CA ALA B 195 -21.13 -4.91 -21.60
C ALA B 195 -19.88 -4.58 -22.39
N GLN B 196 -18.74 -4.56 -21.71
CA GLN B 196 -17.45 -4.32 -22.33
C GLN B 196 -16.47 -5.34 -21.77
N ALA B 197 -15.48 -5.71 -22.58
CA ALA B 197 -14.56 -6.79 -22.24
C ALA B 197 -13.13 -6.36 -22.48
N ALA B 198 -12.28 -6.57 -21.48
CA ALA B 198 -10.86 -6.30 -21.65
C ALA B 198 -10.21 -7.42 -22.44
N GLY B 199 -9.27 -7.07 -23.31
CA GLY B 199 -8.48 -8.08 -24.00
C GLY B 199 -7.84 -9.01 -22.99
N THR B 200 -7.44 -10.20 -23.40
CA THR B 200 -6.80 -11.09 -22.46
C THR B 200 -5.52 -10.45 -21.94
N ASP B 201 -5.30 -10.57 -20.64
CA ASP B 201 -4.15 -9.93 -20.01
C ASP B 201 -2.87 -10.64 -20.44
N THR B 202 -1.76 -9.95 -20.26
CA THR B 202 -0.44 -10.56 -20.47
C THR B 202 0.47 -10.18 -19.31
N THR B 203 1.59 -10.89 -19.22
CA THR B 203 2.59 -10.64 -18.19
C THR B 203 3.45 -9.44 -18.53
N ILE B 204 3.72 -8.62 -17.51
CA ILE B 204 4.46 -7.37 -17.69
C ILE B 204 5.96 -7.69 -17.66
N THR B 205 6.54 -7.85 -18.85
CA THR B 205 7.89 -8.40 -18.95
C THR B 205 8.91 -7.48 -18.28
N VAL B 206 8.83 -6.18 -18.54
CA VAL B 206 9.80 -5.26 -17.95
C VAL B 206 9.80 -5.41 -16.44
N ASN B 207 8.62 -5.59 -15.84
CA ASN B 207 8.54 -5.72 -14.40
C ASN B 207 9.06 -7.06 -13.93
N VAL B 208 8.83 -8.15 -14.70
CA VAL B 208 9.45 -9.42 -14.35
C VAL B 208 10.96 -9.28 -14.35
N LEU B 209 11.50 -8.58 -15.35
CA LEU B 209 12.93 -8.36 -15.44
C LEU B 209 13.43 -7.54 -14.26
N ALA B 210 12.72 -6.45 -13.92
CA ALA B 210 13.04 -5.70 -12.71
C ALA B 210 13.11 -6.62 -11.49
N TRP B 211 12.15 -7.53 -11.38
CA TRP B 211 12.13 -8.49 -10.28
C TRP B 211 13.37 -9.36 -10.27
N LEU B 212 13.82 -9.83 -11.43
CA LEU B 212 15.02 -10.67 -11.47
C LEU B 212 16.24 -9.87 -11.02
N TYR B 213 16.36 -8.62 -11.49
CA TYR B 213 17.40 -7.74 -11.02
C TYR B 213 17.36 -7.61 -9.50
N ALA B 214 16.16 -7.48 -8.95
CA ALA B 214 16.01 -7.37 -7.51
C ALA B 214 16.49 -8.64 -6.80
N ALA B 215 16.22 -9.79 -7.38
CA ALA B 215 16.70 -11.03 -6.79
C ALA B 215 18.22 -11.09 -6.80
N VAL B 216 18.84 -10.56 -7.85
CA VAL B 216 20.30 -10.57 -7.93
C VAL B 216 20.90 -9.61 -6.90
N ILE B 217 20.34 -8.40 -6.79
CA ILE B 217 20.80 -7.43 -5.80
C ILE B 217 20.81 -8.04 -4.40
N ASN B 218 19.90 -8.98 -4.15
CA ASN B 218 19.81 -9.68 -2.87
C ASN B 218 20.59 -10.98 -2.83
N GLY B 219 21.45 -11.25 -3.82
CA GLY B 219 22.29 -12.43 -3.82
C GLY B 219 21.69 -13.66 -4.48
N ASP B 220 20.39 -13.65 -4.78
CA ASP B 220 19.72 -14.77 -5.42
C ASP B 220 19.97 -14.64 -6.92
N ARG B 221 20.88 -15.46 -7.46
CA ARG B 221 21.24 -15.30 -8.86
C ARG B 221 21.48 -16.62 -9.58
N TRP B 222 20.94 -17.72 -9.07
CA TRP B 222 21.17 -19.01 -9.72
C TRP B 222 20.77 -18.98 -11.19
N PHE B 223 19.67 -18.30 -11.52
CA PHE B 223 19.10 -18.32 -12.85
C PHE B 223 19.92 -17.56 -13.89
N LEU B 224 20.92 -16.77 -13.50
CA LEU B 224 21.72 -16.09 -14.51
C LEU B 224 22.45 -17.13 -15.34
N ASN B 225 22.40 -16.98 -16.66
CA ASN B 225 23.08 -17.89 -17.58
C ASN B 225 24.22 -17.15 -18.27
N ARG B 226 24.93 -17.88 -19.14
CA ARG B 226 26.05 -17.32 -19.89
C ARG B 226 25.66 -16.78 -21.25
N PHE B 227 24.41 -17.01 -21.69
CA PHE B 227 23.98 -16.61 -23.02
C PHE B 227 23.41 -15.19 -23.01
N THR B 228 23.23 -14.65 -24.22
CA THR B 228 22.53 -13.39 -24.42
C THR B 228 21.58 -13.57 -25.60
N THR B 229 20.81 -12.52 -25.91
CA THR B 229 19.85 -12.60 -27.00
C THR B 229 19.68 -11.22 -27.62
N THR B 230 19.01 -11.20 -28.76
CA THR B 230 18.54 -9.94 -29.34
C THR B 230 17.20 -9.59 -28.73
N LEU B 231 16.87 -8.30 -28.78
CA LEU B 231 15.56 -7.84 -28.34
C LEU B 231 14.45 -8.45 -29.21
N ASN B 232 14.64 -8.50 -30.52
CA ASN B 232 13.61 -9.07 -31.40
C ASN B 232 13.40 -10.55 -31.09
N ASP B 233 14.49 -11.33 -31.04
CA ASP B 233 14.37 -12.74 -30.71
C ASP B 233 13.64 -12.93 -29.40
N PHE B 234 14.03 -12.17 -28.37
CA PHE B 234 13.37 -12.32 -27.09
C PHE B 234 11.88 -11.97 -27.21
N ASN B 235 11.56 -10.88 -27.91
CA ASN B 235 10.17 -10.48 -28.04
C ASN B 235 9.35 -11.56 -28.72
N LEU B 236 9.84 -12.11 -29.83
CA LEU B 236 9.08 -13.15 -30.52
C LEU B 236 8.89 -14.37 -29.62
N VAL B 237 9.87 -14.68 -28.79
CA VAL B 237 9.76 -15.85 -27.93
C VAL B 237 8.84 -15.56 -26.76
N ALA B 238 8.94 -14.36 -26.18
CA ALA B 238 8.15 -14.05 -25.00
C ALA B 238 6.67 -14.03 -25.31
N MET B 239 6.30 -13.50 -26.48
CA MET B 239 4.88 -13.50 -26.84
C MET B 239 4.31 -14.92 -26.85
N LYS B 240 5.15 -15.93 -27.13
CA LYS B 240 4.66 -17.30 -27.18
C LYS B 240 4.28 -17.82 -25.81
N TYR B 241 4.73 -17.15 -24.74
CA TYR B 241 4.36 -17.49 -23.38
C TYR B 241 3.41 -16.46 -22.77
N ASN B 242 2.75 -15.66 -23.62
CA ASN B 242 1.86 -14.57 -23.22
C ASN B 242 2.57 -13.60 -22.27
N TYR B 243 3.84 -13.35 -22.54
CA TYR B 243 4.57 -12.21 -22.01
C TYR B 243 4.53 -11.07 -23.01
N GLU B 244 4.56 -9.85 -22.50
CA GLU B 244 4.60 -8.66 -23.33
C GLU B 244 5.93 -8.54 -24.06
N PRO B 245 5.93 -7.96 -25.26
CA PRO B 245 7.20 -7.55 -25.86
C PRO B 245 7.77 -6.30 -25.20
N LEU B 246 9.10 -6.26 -25.13
CA LEU B 246 9.83 -5.10 -24.63
C LEU B 246 9.85 -3.99 -25.66
N THR B 247 9.68 -2.76 -25.19
CA THR B 247 9.87 -1.56 -25.96
C THR B 247 11.26 -0.99 -25.68
N GLN B 248 11.65 0.02 -26.47
CA GLN B 248 12.90 0.69 -26.17
C GLN B 248 12.84 1.36 -24.80
N ASP B 249 11.67 1.95 -24.46
CA ASP B 249 11.54 2.59 -23.16
C ASP B 249 11.70 1.59 -22.03
N HIS B 250 11.21 0.36 -22.22
CA HIS B 250 11.43 -0.67 -21.21
C HIS B 250 12.92 -0.92 -20.99
N VAL B 251 13.68 -1.07 -22.08
CA VAL B 251 15.12 -1.27 -21.95
C VAL B 251 15.75 -0.12 -21.18
N ASP B 252 15.29 1.11 -21.45
CA ASP B 252 15.88 2.29 -20.83
C ASP B 252 15.65 2.32 -19.34
N ILE B 253 14.41 2.12 -18.88
CA ILE B 253 14.14 2.20 -17.45
C ILE B 253 14.70 1.02 -16.67
N LEU B 254 15.21 0.00 -17.36
CA LEU B 254 15.98 -1.06 -16.74
C LEU B 254 17.45 -0.70 -16.64
N GLY B 255 17.82 0.47 -17.14
CA GLY B 255 19.20 0.89 -17.18
C GLY B 255 19.86 0.93 -15.81
N PRO B 256 19.25 1.62 -14.85
CA PRO B 256 19.88 1.69 -13.51
C PRO B 256 20.10 0.33 -12.88
N LEU B 257 19.11 -0.55 -12.91
CA LEU B 257 19.29 -1.89 -12.37
C LEU B 257 20.36 -2.65 -13.13
N SER B 258 20.42 -2.45 -14.45
CA SER B 258 21.49 -3.06 -15.23
C SER B 258 22.85 -2.53 -14.80
N ALA B 259 22.93 -1.22 -14.55
CA ALA B 259 24.16 -0.61 -14.07
C ALA B 259 24.50 -1.08 -12.66
N GLN B 260 23.49 -1.14 -11.79
CA GLN B 260 23.72 -1.52 -10.40
C GLN B 260 24.25 -2.95 -10.30
N THR B 261 23.73 -3.87 -11.13
CA THR B 261 24.15 -5.27 -11.08
C THR B 261 25.28 -5.62 -12.05
N GLY B 262 25.60 -4.74 -13.01
CA GLY B 262 26.54 -5.14 -14.04
C GLY B 262 26.02 -6.16 -15.03
N ILE B 263 24.73 -6.42 -15.07
CA ILE B 263 24.15 -7.46 -15.93
C ILE B 263 23.33 -6.77 -17.00
N ALA B 264 23.79 -6.86 -18.26
CA ALA B 264 23.12 -6.18 -19.36
C ALA B 264 21.67 -6.66 -19.50
N VAL B 265 20.84 -5.76 -20.00
CA VAL B 265 19.41 -6.06 -20.09
C VAL B 265 19.19 -7.29 -20.97
N LEU B 266 19.91 -7.39 -22.09
CA LEU B 266 19.71 -8.51 -22.99
C LEU B 266 20.28 -9.81 -22.44
N ASP B 267 21.27 -9.74 -21.53
CA ASP B 267 21.70 -10.94 -20.81
C ASP B 267 20.59 -11.42 -19.88
N MET B 268 19.96 -10.48 -19.16
CA MET B 268 18.85 -10.86 -18.29
C MET B 268 17.65 -11.36 -19.09
N CYS B 269 17.44 -10.82 -20.30
CA CYS B 269 16.40 -11.37 -21.16
C CYS B 269 16.68 -12.83 -21.54
N ALA B 270 17.94 -13.16 -21.84
CA ALA B 270 18.26 -14.55 -22.14
C ALA B 270 18.02 -15.44 -20.93
N SER B 271 18.43 -14.99 -19.74
CA SER B 271 18.17 -15.74 -18.51
C SER B 271 16.68 -15.94 -18.29
N LEU B 272 15.87 -14.90 -18.54
CA LEU B 272 14.42 -15.06 -18.43
C LEU B 272 13.88 -15.97 -19.53
N LYS B 273 14.33 -15.80 -20.77
CA LYS B 273 13.92 -16.74 -21.82
C LYS B 273 14.13 -18.18 -21.37
N GLU B 274 15.27 -18.47 -20.73
CA GLU B 274 15.53 -19.82 -20.27
C GLU B 274 14.50 -20.26 -19.23
N LEU B 275 14.15 -19.37 -18.30
CA LEU B 275 13.16 -19.74 -17.30
C LEU B 275 11.82 -20.10 -17.95
N LEU B 276 11.41 -19.34 -18.97
CA LEU B 276 10.14 -19.60 -19.64
C LEU B 276 10.15 -20.95 -20.34
N GLN B 277 11.24 -21.25 -21.08
CA GLN B 277 11.30 -22.48 -21.84
C GLN B 277 11.50 -23.70 -20.95
N ASN B 278 12.39 -23.61 -19.95
CA ASN B 278 12.70 -24.77 -19.13
C ASN B 278 11.98 -24.78 -17.80
N GLY B 279 11.31 -23.69 -17.42
CA GLY B 279 10.63 -23.65 -16.14
C GLY B 279 11.59 -23.51 -14.97
N MET B 280 11.02 -23.53 -13.76
CA MET B 280 11.77 -23.29 -12.54
C MET B 280 12.48 -24.52 -12.01
N ASN B 281 12.02 -25.72 -12.37
CA ASN B 281 12.50 -26.94 -11.74
C ASN B 281 12.27 -26.89 -10.23
N GLY B 282 11.09 -26.39 -9.84
CA GLY B 282 10.71 -26.29 -8.44
C GLY B 282 11.53 -25.31 -7.65
N ARG B 283 12.43 -24.60 -8.29
CA ARG B 283 13.25 -23.63 -7.60
C ARG B 283 12.44 -22.36 -7.33
N THR B 284 12.87 -21.61 -6.32
CA THR B 284 12.27 -20.33 -5.97
C THR B 284 13.21 -19.19 -6.33
N ILE B 285 12.62 -18.01 -6.54
CA ILE B 285 13.35 -16.76 -6.71
C ILE B 285 12.77 -15.76 -5.72
N LEU B 286 13.61 -15.20 -4.86
CA LEU B 286 13.16 -14.31 -3.77
C LEU B 286 12.06 -14.97 -2.94
N GLY B 287 12.20 -16.27 -2.71
CA GLY B 287 11.21 -17.00 -1.93
C GLY B 287 9.86 -17.05 -2.61
N SER B 288 9.84 -17.54 -3.85
CA SER B 288 8.62 -17.66 -4.62
C SER B 288 8.91 -18.38 -5.93
N ALA B 289 8.10 -19.37 -6.28
CA ALA B 289 8.24 -20.01 -7.59
C ALA B 289 7.52 -19.22 -8.68
N LEU B 290 6.63 -18.31 -8.31
CA LEU B 290 5.98 -17.44 -9.28
C LEU B 290 6.85 -16.22 -9.52
N LEU B 291 6.83 -15.73 -10.76
CA LEU B 291 7.53 -14.52 -11.14
C LEU B 291 6.58 -13.33 -10.98
N GLU B 292 6.95 -12.38 -10.14
CA GLU B 292 6.13 -11.21 -9.87
C GLU B 292 6.26 -10.21 -11.02
N ASP B 293 5.12 -9.61 -11.44
CA ASP B 293 5.18 -8.60 -12.49
C ASP B 293 4.54 -7.26 -12.12
N GLU B 294 4.28 -7.00 -10.84
CA GLU B 294 3.72 -5.71 -10.43
C GLU B 294 4.74 -4.81 -9.74
N PHE B 295 6.03 -5.08 -9.89
CA PHE B 295 7.08 -4.21 -9.37
C PHE B 295 7.87 -3.65 -10.55
N THR B 296 7.73 -2.34 -10.76
CA THR B 296 8.50 -1.65 -11.77
C THR B 296 9.95 -1.54 -11.33
N PRO B 297 10.85 -1.17 -12.25
CA PRO B 297 12.21 -0.83 -11.84
C PRO B 297 12.29 0.30 -10.84
N PHE B 298 11.34 1.23 -10.86
CA PHE B 298 11.32 2.31 -9.86
C PHE B 298 11.01 1.76 -8.48
N ASP B 299 9.95 0.96 -8.36
CA ASP B 299 9.62 0.36 -7.07
C ASP B 299 10.78 -0.45 -6.54
N VAL B 300 11.48 -1.18 -7.41
CA VAL B 300 12.63 -1.97 -6.97
C VAL B 300 13.63 -1.08 -6.24
N VAL B 301 13.94 0.07 -6.81
CA VAL B 301 14.89 0.99 -6.21
C VAL B 301 14.34 1.57 -4.90
N ARG B 302 13.14 2.15 -4.95
CA ARG B 302 12.48 2.73 -3.77
C ARG B 302 12.64 1.86 -2.53
N GLN B 303 12.62 0.54 -2.71
CA GLN B 303 12.74 -0.41 -1.61
C GLN B 303 14.17 -0.94 -1.43
N CYS B 304 15.15 -0.39 -2.15
CA CYS B 304 16.54 -0.83 -2.04
C CYS B 304 17.48 0.37 -2.16
C11 YLM C . 17.70 1.59 12.32
C12 YLM C . 16.78 0.80 11.33
C13 YLM C . 17.34 -0.56 10.84
C14 YLM C . 16.39 -1.26 9.88
C16 YLM C . 18.42 -1.10 8.68
C17 YLM C . 18.58 -0.32 9.98
C27 YLM C . 23.93 -7.62 14.35
C02 YLM C . 19.82 -2.74 13.70
C04 YLM C . 19.35 -0.71 15.12
C05 YLM C . 19.75 0.12 16.38
C06 YLM C . 20.03 -0.62 17.70
C07 YLM C . 18.73 -1.02 18.42
C08 YLM C . 20.91 0.22 18.65
C09 YLM C . 19.16 0.18 13.85
C19 YLM C . 17.10 2.95 12.72
C23 YLM C . 20.53 -4.91 14.50
C24 YLM C . 21.72 -5.88 14.42
C25 YLM C . 21.87 -6.86 13.42
C26 YLM C . 22.96 -7.74 13.36
C29 YLM C . 23.84 -6.68 15.38
C30 YLM C . 22.74 -5.83 15.38
F28 YLM C . 25.00 -8.45 14.33
N03 YLM C . 20.20 -1.86 14.74
N10 YLM C . 17.96 0.74 13.51
N15 YLM C . 17.01 -1.57 8.68
O01 YLM C . 18.83 -2.56 13.01
O18 YLM C . 15.20 -1.58 10.08
O20 YLM C . 18.11 3.60 13.48
O21 YLM C . 20.17 0.39 13.14
O22 YLM C . 20.62 -3.86 13.50
C11 YLS D . 17.76 1.60 12.37
C12 YLS D . 16.82 0.83 11.37
C13 YLS D . 17.37 -0.54 10.87
C14 YLS D . 16.41 -1.24 9.90
C19 YLS D . 17.16 2.96 12.80
C17 YLS D . 18.61 -0.29 9.99
C16 YLS D . 18.43 -1.09 8.69
C26 YLS D . 23.87 -6.68 15.37
C25 YLS D . 22.76 -5.84 15.39
C24 YLS D . 21.73 -5.89 14.42
C23 YLS D . 20.51 -4.94 14.47
C02 YLS D . 19.81 -2.76 13.69
C04 YLS D . 19.42 -0.71 15.13
C05 YLS D . 19.90 0.12 16.34
C06 YLS D . 20.10 -0.58 17.70
C07 YLS D . 20.85 0.31 18.73
C08 YLS D . 18.76 -1.02 18.28
C09 YLS D . 19.22 0.16 13.86
C27 YLS D . 23.96 -7.62 14.34
C29 YLS D . 22.97 -7.73 13.36
C30 YLS D . 21.88 -6.86 13.42
F28 YLS D . 25.02 -8.46 14.30
N03 YLS D . 20.23 -1.91 14.74
N10 YLS D . 18.02 0.75 13.54
N15 YLS D . 17.04 -1.55 8.70
O01 YLS D . 18.82 -2.57 13.02
O18 YLS D . 15.22 -1.55 10.10
O20 YLS D . 16.84 3.69 11.64
O21 YLS D . 20.20 0.34 13.12
O22 YLS D . 20.59 -3.90 13.46
C11 YLM E . -18.77 3.39 -10.18
C12 YLM E . -17.65 2.40 -9.74
C13 YLM E . -17.95 0.90 -9.95
C14 YLM E . -16.81 0.04 -9.43
C16 YLM E . -18.76 -0.92 -8.54
C17 YLM E . -19.12 0.47 -9.06
C27 YLM E . -21.33 -3.24 -9.69
C02 YLM E . -20.14 0.34 -13.90
C04 YLM E . -20.14 2.82 -13.88
C05 YLM E . -20.80 4.07 -14.53
C06 YLM E . -20.89 4.12 -16.08
C07 YLM E . -21.36 5.49 -16.62
C08 YLM E . -19.54 3.79 -16.73
C09 YLM E . -20.06 2.85 -12.34
C19 YLM E . -18.48 4.85 -9.72
C23 YLM E . -20.31 -2.11 -13.79
C24 YLM E . -20.69 -2.49 -12.34
C25 YLM E . -21.45 -1.66 -11.49
C26 YLM E . -21.77 -2.01 -10.17
C29 YLM E . -20.57 -4.09 -10.48
C30 YLM E . -20.26 -3.70 -11.78
F28 YLM E . -21.62 -3.61 -8.42
N03 YLM E . -20.77 1.54 -14.22
N10 YLM E . -18.95 3.31 -11.66
N15 YLM E . -17.30 -1.00 -8.63
O01 YLM E . -19.03 0.28 -13.39
O18 YLM E . -15.60 0.17 -9.64
O20 YLM E . -19.63 5.60 -10.01
O21 YLM E . -21.04 2.42 -11.71
O22 YLM E . -20.86 -0.83 -14.21
C11 YLS F . -18.96 3.54 -10.23
C12 YLS F . -17.87 2.54 -9.74
C13 YLS F . -18.17 1.04 -10.01
C14 YLS F . -17.00 0.17 -9.59
C19 YLS F . -18.62 5.01 -9.84
C17 YLS F . -19.29 0.57 -9.10
C16 YLS F . -18.85 -0.77 -8.50
C26 YLS F . -21.79 -2.01 -10.17
C25 YLS F . -21.46 -1.67 -11.49
C24 YLS F . -20.69 -2.51 -12.33
C23 YLS F . -20.32 -2.14 -13.78
C02 YLS F . -20.18 0.29 -13.90
C04 YLS F . -20.23 2.78 -13.92
C05 YLS F . -20.89 4.02 -14.58
C06 YLS F . -20.91 4.10 -16.13
C07 YLS F . -21.35 5.48 -16.67
C08 YLS F . -19.53 3.77 -16.74
C09 YLS F . -20.16 2.84 -12.37
C27 YLS F . -21.33 -3.23 -9.67
C29 YLS F . -20.58 -4.09 -10.44
C30 YLS F . -20.27 -3.71 -11.76
F28 YLS F . -21.64 -3.58 -8.41
N03 YLS F . -20.83 1.49 -14.24
N10 YLS F . -19.12 3.42 -11.70
N15 YLS F . -17.40 -0.85 -8.74
O01 YLS F . -19.09 0.27 -13.38
O18 YLS F . -15.80 0.28 -9.92
O20 YLS F . -18.40 5.05 -8.45
O21 YLS F . -21.10 2.33 -11.75
O22 YLS F . -20.86 -0.88 -14.23
#